data_4KUM
#
_entry.id   4KUM
#
_cell.length_a   123.864
_cell.length_b   179.371
_cell.length_c   235.054
_cell.angle_alpha   90.00
_cell.angle_beta   90.00
_cell.angle_gamma   90.00
#
_symmetry.space_group_name_H-M   'I 2 2 2'
#
loop_
_entity.id
_entity.type
_entity.pdbx_description
1 polymer 'Lysine-specific histone demethylase 1A'
2 polymer 'REST corepressor 1'
3 non-polymer 'FLAVIN-ADENINE DINUCLEOTIDE'
4 non-polymer GLYCEROL
5 non-polymer (6S)-5,6,7,8-TETRAHYDROFOLATE
6 non-polymer 'CHLORIDE ION'
7 water water
#
loop_
_entity_poly.entity_id
_entity_poly.type
_entity_poly.pdbx_seq_one_letter_code
_entity_poly.pdbx_strand_id
1 'polypeptide(L)'
;PSGVEGAAFQSRLPHDRMTSQEAACFPDIISGPQQTQKVFLFIRNRTLQLWLDNPKIQLTFEATLQQLEAPYNSDTVLVH
RVHSYLERHGLINFGIYKRIKPLPTKKTGKVIIIGSGVSGLAAARQLQSFGMDVTLLEARDRVGGRVATFRKGNYVADLG
AMVVTGLGGNPMAVVSKQVNMELAKIKQKCPLYEANGQAVPKEKDEMVEQEFNRLLEATSYLSHQLDFNVLNNKPVSLGQ
ALEVVIQLQEKHVKDEQIEHWKKIVKTQEELKELLNKMVNLKEKIKELHQQYKEASEVKPPRDITAEFLVKSKHRDLTAL
CKEYDELAETQGKLEEKLQELEANPPSDVYLSSRDRQILDWHFANLEFANATPLSTLSLKHWDQDDDFEFTGSHLTVRNG
YSCVPVALAEGLDIKLNTAVRQVRYTASGCEVIAVNTRSTSQTFIYKCDAVLCTLPLGVLKQQPPAVQFVPPLPEWKTSA
VQRMGFGNLNKVVLCFDRVFWDPSVNLFGHVGSTTASRGELFLFWNLYKAPILLALVAGEAAGIMENISDDVIVGRCLAI
LKGIFGSSAVPQPKETVVSRWRADPWARGSYSYVAAGSSGNDYDLMAQPITPGPSIPGAPQPIPRLFFAGEHTIRNYPAT
VHGALLSGLREAGRIADQFLGAMYTL
;
A
2 'polypeptide(L)'
;MGSSHHHHHHSSGLVPRGSHMASMTGGQQMGRGSEFGRPTETVPQVKKEKHSTQAKNRAKRKPPKGMFLSQEDVEAVSAN
ATAATTVLRQLDMELVSVKRQIQNIKQTNSALKEKLDGGIEPYRLPEVIQKCNARWTTEEQLLAVQAIRKYGRDFQAISD
VIGNKSVVQVKNFFVNYRRRFNIDEVLQEWEAEHGKEETNGPSNQKPVKSPDNSIKMPEEEDEAPVLDVRYASAS
;
B
#
# COMPACT_ATOMS: atom_id res chain seq x y z
N PRO A 1 25.11 5.94 11.47
CA PRO A 1 26.41 5.31 11.76
C PRO A 1 27.53 6.34 12.01
N SER A 2 28.57 5.99 12.77
CA SER A 2 29.68 6.93 13.07
C SER A 2 31.12 6.48 12.63
N GLY A 3 32.10 7.39 12.75
CA GLY A 3 33.49 7.09 12.45
C GLY A 3 33.73 6.89 10.97
N VAL A 4 34.57 5.91 10.63
CA VAL A 4 34.85 5.62 9.22
C VAL A 4 33.69 4.86 8.60
N GLU A 5 32.91 4.16 9.42
CA GLU A 5 31.75 3.42 8.93
C GLU A 5 30.63 4.39 8.56
N GLY A 6 30.56 5.53 9.26
CA GLY A 6 29.60 6.57 8.97
C GLY A 6 29.87 7.16 7.61
N ALA A 7 31.15 7.31 7.30
CA ALA A 7 31.56 7.85 6.01
C ALA A 7 31.11 6.97 4.86
N ALA A 8 31.22 5.65 5.01
CA ALA A 8 30.80 4.73 3.98
C ALA A 8 29.30 4.86 3.79
N PHE A 9 28.56 4.77 4.88
CA PHE A 9 27.13 4.88 4.86
C PHE A 9 26.69 6.17 4.20
N GLN A 10 27.36 7.27 4.52
CA GLN A 10 27.01 8.57 3.95
C GLN A 10 27.37 8.64 2.46
N SER A 11 28.22 7.74 2.01
CA SER A 11 28.59 7.67 0.58
C SER A 11 27.87 6.52 -0.16
N ARG A 12 26.91 5.89 0.50
CA ARG A 12 26.13 4.76 -0.06
C ARG A 12 26.99 3.54 -0.36
N LEU A 13 27.98 3.28 0.48
CA LEU A 13 28.89 2.16 0.29
C LEU A 13 28.82 1.21 1.47
N PRO A 14 28.97 -0.11 1.22
CA PRO A 14 29.11 -1.04 2.32
C PRO A 14 30.51 -0.87 2.91
N HIS A 15 30.58 -0.64 4.23
CA HIS A 15 31.87 -0.36 4.89
C HIS A 15 32.87 -1.51 4.94
N ASP A 16 32.36 -2.75 4.99
CA ASP A 16 33.18 -3.93 5.16
C ASP A 16 33.34 -4.79 3.91
N ARG A 17 33.00 -4.22 2.76
CA ARG A 17 32.96 -4.98 1.53
C ARG A 17 33.25 -4.08 0.33
N MET A 18 33.93 -4.64 -0.67
CA MET A 18 34.27 -3.90 -1.88
C MET A 18 33.11 -4.00 -2.87
N THR A 19 32.81 -2.89 -3.53
CA THR A 19 31.77 -2.81 -4.54
C THR A 19 32.24 -3.40 -5.87
N SER A 20 31.27 -3.67 -6.74
CA SER A 20 31.48 -4.16 -8.06
C SER A 20 32.39 -3.22 -8.88
N GLN A 21 32.14 -1.93 -8.72
CA GLN A 21 32.88 -0.87 -9.36
C GLN A 21 34.33 -0.90 -8.87
N GLU A 22 34.48 -1.04 -7.55
CA GLU A 22 35.81 -1.11 -6.95
C GLU A 22 36.54 -2.35 -7.41
N ALA A 23 35.80 -3.44 -7.63
CA ALA A 23 36.43 -4.68 -8.09
C ALA A 23 37.07 -4.46 -9.45
N ALA A 24 36.33 -3.80 -10.33
CA ALA A 24 36.79 -3.51 -11.68
C ALA A 24 38.06 -2.67 -11.74
N CYS A 25 38.23 -1.76 -10.79
CA CYS A 25 39.42 -0.89 -10.77
C CYS A 25 40.54 -1.43 -9.90
N PHE A 26 40.20 -2.32 -8.98
CA PHE A 26 41.17 -2.90 -8.10
C PHE A 26 41.09 -4.43 -8.15
N PRO A 27 41.18 -5.01 -9.33
CA PRO A 27 41.06 -6.45 -9.52
C PRO A 27 42.14 -7.18 -8.82
N ASP A 28 43.32 -6.56 -8.73
CA ASP A 28 44.48 -7.17 -8.04
C ASP A 28 44.19 -7.37 -6.56
N ILE A 29 43.49 -6.39 -5.99
CA ILE A 29 43.17 -6.41 -4.58
C ILE A 29 42.00 -7.32 -4.23
N ILE A 30 40.86 -7.16 -4.91
CA ILE A 30 39.71 -8.01 -4.60
C ILE A 30 39.97 -9.50 -4.83
N SER A 31 40.89 -9.86 -5.71
CA SER A 31 41.20 -11.27 -5.95
C SER A 31 42.33 -11.79 -5.07
N GLY A 32 42.93 -10.90 -4.30
CA GLY A 32 44.06 -11.23 -3.41
C GLY A 32 43.60 -11.45 -1.97
N PRO A 33 44.57 -11.58 -1.05
CA PRO A 33 44.31 -11.88 0.36
C PRO A 33 43.34 -10.91 1.07
N GLN A 34 42.57 -11.46 2.02
CA GLN A 34 41.59 -10.68 2.80
C GLN A 34 42.20 -9.47 3.48
N GLN A 35 43.42 -9.63 4.03
CA GLN A 35 44.11 -8.54 4.71
C GLN A 35 44.28 -7.30 3.84
N THR A 36 44.69 -7.49 2.58
CA THR A 36 44.87 -6.39 1.63
C THR A 36 43.55 -5.68 1.39
N GLN A 37 42.49 -6.46 1.26
CA GLN A 37 41.15 -5.91 1.04
C GLN A 37 40.79 -5.01 2.22
N LYS A 38 41.10 -5.46 3.43
CA LYS A 38 40.83 -4.66 4.61
C LYS A 38 41.64 -3.36 4.62
N VAL A 39 42.87 -3.40 4.11
CA VAL A 39 43.70 -2.20 4.02
C VAL A 39 43.05 -1.22 3.06
N PHE A 40 42.61 -1.72 1.92
CA PHE A 40 41.97 -0.90 0.91
C PHE A 40 40.73 -0.23 1.50
N LEU A 41 39.86 -1.05 2.10
CA LEU A 41 38.64 -0.53 2.66
C LEU A 41 38.87 0.58 3.68
N PHE A 42 39.90 0.42 4.51
CA PHE A 42 40.19 1.43 5.52
C PHE A 42 40.64 2.75 4.87
N ILE A 43 41.51 2.62 3.87
CA ILE A 43 42.00 3.79 3.17
C ILE A 43 40.83 4.48 2.50
N ARG A 44 39.97 3.70 1.87
CA ARG A 44 38.81 4.27 1.20
C ARG A 44 37.88 4.97 2.19
N ASN A 45 37.52 4.29 3.27
CA ASN A 45 36.63 4.87 4.25
C ASN A 45 37.22 6.13 4.89
N ARG A 46 38.51 6.06 5.23
CA ARG A 46 39.17 7.21 5.83
C ARG A 46 39.23 8.43 4.88
N THR A 47 39.54 8.17 3.61
CA THR A 47 39.63 9.24 2.63
C THR A 47 38.27 9.92 2.51
N LEU A 48 37.22 9.10 2.55
CA LEU A 48 35.86 9.62 2.49
C LEU A 48 35.57 10.43 3.73
N GLN A 49 36.07 9.97 4.87
CA GLN A 49 35.81 10.69 6.09
C GLN A 49 36.42 12.09 6.06
N LEU A 50 37.65 12.19 5.59
CA LEU A 50 38.34 13.48 5.52
C LEU A 50 37.59 14.46 4.64
N TRP A 51 37.09 13.97 3.51
CA TRP A 51 36.34 14.82 2.60
C TRP A 51 35.03 15.27 3.23
N LEU A 52 34.28 14.31 3.77
CA LEU A 52 33.00 14.62 4.37
C LEU A 52 33.10 15.57 5.56
N ASP A 53 34.18 15.45 6.32
CA ASP A 53 34.42 16.32 7.50
C ASP A 53 34.57 17.79 7.11
N ASN A 54 35.03 18.05 5.88
CA ASN A 54 35.17 19.40 5.40
C ASN A 54 35.05 19.53 3.91
N PRO A 55 33.83 19.44 3.38
CA PRO A 55 33.61 19.44 1.93
C PRO A 55 33.67 20.82 1.31
N LYS A 56 33.91 21.85 2.12
CA LYS A 56 34.06 23.23 1.60
C LYS A 56 35.44 23.49 0.95
N ILE A 57 36.23 22.42 0.76
CA ILE A 57 37.61 22.57 0.29
C ILE A 57 38.14 21.25 -0.32
N GLN A 58 38.99 21.39 -1.33
CA GLN A 58 39.48 20.28 -2.08
C GLN A 58 40.35 19.36 -1.24
N LEU A 59 40.03 18.07 -1.22
CA LEU A 59 40.85 17.10 -0.52
C LEU A 59 41.88 16.56 -1.50
N THR A 60 43.15 16.92 -1.29
CA THR A 60 44.23 16.45 -2.17
C THR A 60 44.87 15.15 -1.68
N PHE A 61 45.54 14.47 -2.61
CA PHE A 61 46.24 13.23 -2.30
C PHE A 61 47.23 13.45 -1.16
N GLU A 62 48.02 14.53 -1.26
CA GLU A 62 49.01 14.86 -0.21
C GLU A 62 48.33 15.01 1.13
N ALA A 63 47.25 15.79 1.16
CA ALA A 63 46.50 16.03 2.40
C ALA A 63 46.02 14.72 3.01
N THR A 64 45.52 13.83 2.16
CA THR A 64 45.03 12.52 2.57
C THR A 64 46.13 11.68 3.23
N LEU A 65 47.22 11.49 2.50
CA LEU A 65 48.35 10.70 2.98
C LEU A 65 48.86 11.17 4.34
N GLN A 66 48.94 12.49 4.52
CA GLN A 66 49.40 13.09 5.75
C GLN A 66 48.53 12.77 6.96
N GLN A 67 47.26 12.41 6.76
CA GLN A 67 46.38 12.12 7.87
C GLN A 67 46.03 10.64 8.06
N LEU A 68 46.84 9.77 7.47
CA LEU A 68 46.74 8.33 7.74
C LEU A 68 47.87 7.86 8.63
N GLU A 69 47.54 7.15 9.71
CA GLU A 69 48.59 6.63 10.61
C GLU A 69 49.21 5.37 9.98
N ALA A 70 50.34 4.93 10.52
CA ALA A 70 50.99 3.71 10.06
C ALA A 70 50.07 2.51 10.35
N PRO A 71 50.14 1.46 9.51
CA PRO A 71 50.99 1.28 8.35
C PRO A 71 50.31 1.73 7.04
N TYR A 72 49.13 2.31 7.14
CA TYR A 72 48.34 2.74 5.99
C TYR A 72 49.03 3.74 5.08
N ASN A 73 49.76 4.70 5.67
CA ASN A 73 50.64 5.58 4.90
C ASN A 73 51.93 4.93 4.43
N SER A 74 52.04 3.60 4.59
CA SER A 74 53.22 2.86 4.16
C SER A 74 52.99 2.23 2.77
N ASP A 75 51.95 2.67 2.07
CA ASP A 75 51.75 2.31 0.67
C ASP A 75 51.15 3.52 -0.04
N THR A 76 52.04 4.38 -0.50
CA THR A 76 51.66 5.62 -1.19
C THR A 76 50.94 5.40 -2.54
N VAL A 77 51.30 4.36 -3.28
CA VAL A 77 50.68 4.06 -4.55
C VAL A 77 49.20 3.68 -4.36
N LEU A 78 48.98 2.81 -3.38
CA LEU A 78 47.63 2.35 -3.08
C LEU A 78 46.77 3.53 -2.64
N VAL A 79 47.32 4.42 -1.83
CA VAL A 79 46.58 5.60 -1.38
C VAL A 79 46.23 6.47 -2.58
N HIS A 80 47.23 6.77 -3.40
CA HIS A 80 47.05 7.58 -4.59
C HIS A 80 45.99 6.94 -5.53
N ARG A 81 46.04 5.61 -5.66
CA ARG A 81 45.09 4.92 -6.51
C ARG A 81 43.66 5.12 -6.00
N VAL A 82 43.48 4.88 -4.70
CA VAL A 82 42.18 5.03 -4.08
C VAL A 82 41.70 6.45 -4.23
N HIS A 83 42.58 7.42 -3.96
CA HIS A 83 42.19 8.82 -4.08
C HIS A 83 41.69 9.16 -5.49
N SER A 84 42.47 8.82 -6.51
CA SER A 84 42.08 9.13 -7.89
C SER A 84 40.78 8.45 -8.25
N TYR A 85 40.61 7.23 -7.74
CA TYR A 85 39.41 6.47 -7.99
C TYR A 85 38.17 7.20 -7.44
N LEU A 86 38.26 7.61 -6.18
CA LEU A 86 37.14 8.31 -5.54
C LEU A 86 36.86 9.63 -6.21
N GLU A 87 37.92 10.34 -6.53
CA GLU A 87 37.81 11.63 -7.18
C GLU A 87 37.12 11.49 -8.52
N ARG A 88 37.58 10.51 -9.30
CA ARG A 88 37.01 10.26 -10.64
C ARG A 88 35.56 9.91 -10.61
N HIS A 89 35.17 9.11 -9.62
CA HIS A 89 33.79 8.68 -9.53
C HIS A 89 32.88 9.65 -8.75
N GLY A 90 33.43 10.81 -8.38
CA GLY A 90 32.66 11.82 -7.70
C GLY A 90 32.32 11.58 -6.25
N LEU A 91 32.98 10.62 -5.61
CA LEU A 91 32.73 10.32 -4.19
C LEU A 91 33.41 11.36 -3.28
N ILE A 92 34.41 12.05 -3.81
CA ILE A 92 35.03 13.18 -3.09
C ILE A 92 35.25 14.24 -4.14
N ASN A 93 35.51 15.45 -3.70
CA ASN A 93 35.78 16.59 -4.57
C ASN A 93 34.72 16.85 -5.66
N PHE A 94 33.47 16.82 -5.22
CA PHE A 94 32.34 17.19 -6.06
C PHE A 94 31.62 18.35 -5.38
N GLY A 95 30.75 19.00 -6.14
CA GLY A 95 29.97 20.14 -5.65
C GLY A 95 30.71 21.44 -5.89
N ILE A 96 30.70 22.30 -4.87
CA ILE A 96 31.39 23.60 -4.90
C ILE A 96 32.32 23.66 -3.71
N TYR A 97 33.62 23.69 -3.99
CA TYR A 97 34.62 23.69 -2.93
C TYR A 97 35.81 24.50 -3.43
N LYS A 98 36.44 25.26 -2.55
CA LYS A 98 37.56 26.07 -2.96
C LYS A 98 38.74 25.13 -3.22
N ARG A 99 39.34 25.32 -4.39
CA ARG A 99 40.36 24.42 -4.85
C ARG A 99 41.75 24.86 -4.43
N ILE A 100 42.59 23.88 -4.15
CA ILE A 100 43.98 24.15 -3.77
C ILE A 100 44.85 24.19 -5.03
N LYS A 101 44.75 23.16 -5.87
CA LYS A 101 45.54 23.10 -7.09
C LYS A 101 44.77 23.84 -8.16
N PRO A 102 45.36 24.90 -8.77
CA PRO A 102 44.61 25.61 -9.81
C PRO A 102 44.30 24.68 -11.02
N LEU A 103 43.35 25.10 -11.84
CA LEU A 103 42.90 24.27 -12.96
C LEU A 103 43.96 24.25 -14.06
N PRO A 104 44.15 23.08 -14.69
CA PRO A 104 45.16 23.01 -15.75
C PRO A 104 44.87 24.08 -16.80
N THR A 105 45.87 24.90 -17.07
CA THR A 105 45.76 25.99 -18.04
C THR A 105 45.34 25.53 -19.45
N LYS A 106 45.98 24.46 -19.95
CA LYS A 106 45.62 23.88 -21.23
C LYS A 106 44.61 22.81 -20.98
N LYS A 107 43.50 22.85 -21.71
CA LYS A 107 42.42 21.84 -21.57
C LYS A 107 42.57 20.64 -22.50
N THR A 108 41.90 19.54 -22.17
CA THR A 108 41.93 18.33 -22.97
C THR A 108 40.55 17.82 -23.29
N GLY A 109 40.26 17.67 -24.57
CA GLY A 109 38.97 17.15 -25.02
C GLY A 109 37.85 18.19 -24.95
N LYS A 110 36.86 18.04 -25.83
CA LYS A 110 35.73 18.94 -25.90
C LYS A 110 34.42 18.15 -25.72
N VAL A 111 33.58 18.60 -24.78
CA VAL A 111 32.30 17.97 -24.51
C VAL A 111 31.17 18.99 -24.52
N ILE A 112 30.09 18.64 -25.22
CA ILE A 112 28.92 19.47 -25.22
C ILE A 112 27.91 18.78 -24.32
N ILE A 113 27.32 19.55 -23.41
CA ILE A 113 26.35 19.00 -22.48
C ILE A 113 25.01 19.61 -22.84
N ILE A 114 24.02 18.76 -23.11
CA ILE A 114 22.72 19.26 -23.43
C ILE A 114 21.90 19.33 -22.17
N GLY A 115 21.50 20.55 -21.81
CA GLY A 115 20.63 20.77 -20.66
C GLY A 115 21.38 21.20 -19.42
N SER A 116 20.88 22.20 -18.71
CA SER A 116 21.57 22.66 -17.50
C SER A 116 20.68 22.55 -16.26
N GLY A 117 20.07 21.38 -16.10
CA GLY A 117 19.39 21.05 -14.86
C GLY A 117 20.52 20.44 -14.02
N VAL A 118 20.14 19.90 -12.88
CA VAL A 118 21.15 19.46 -11.93
C VAL A 118 22.08 18.37 -12.48
N SER A 119 21.58 17.41 -13.27
CA SER A 119 22.46 16.40 -13.80
C SER A 119 23.53 17.00 -14.70
N GLY A 120 23.12 17.88 -15.60
CA GLY A 120 24.03 18.53 -16.53
C GLY A 120 25.07 19.37 -15.81
N LEU A 121 24.60 20.18 -14.85
CA LEU A 121 25.48 21.06 -14.10
C LEU A 121 26.52 20.28 -13.28
N ALA A 122 26.06 19.25 -12.59
CA ALA A 122 26.97 18.41 -11.81
C ALA A 122 28.06 17.78 -12.70
N ALA A 123 27.66 17.28 -13.87
CA ALA A 123 28.62 16.65 -14.78
C ALA A 123 29.64 17.67 -15.31
N ALA A 124 29.14 18.86 -15.62
CA ALA A 124 29.98 19.93 -16.14
C ALA A 124 31.06 20.33 -15.14
N ARG A 125 30.68 20.51 -13.89
CA ARG A 125 31.64 20.89 -12.87
C ARG A 125 32.75 19.85 -12.77
N GLN A 126 32.35 18.59 -12.79
CA GLN A 126 33.31 17.50 -12.73
C GLN A 126 34.26 17.52 -13.92
N LEU A 127 33.70 17.54 -15.13
CA LEU A 127 34.51 17.55 -16.33
C LEU A 127 35.48 18.75 -16.35
N GLN A 128 35.01 19.91 -15.92
CA GLN A 128 35.85 21.07 -15.88
C GLN A 128 37.00 20.79 -14.92
N SER A 129 36.68 20.22 -13.77
CA SER A 129 37.70 19.90 -12.76
C SER A 129 38.73 18.92 -13.26
N PHE A 130 38.30 18.00 -14.12
CA PHE A 130 39.23 17.03 -14.65
C PHE A 130 40.08 17.58 -15.77
N GLY A 131 39.80 18.81 -16.21
CA GLY A 131 40.57 19.48 -17.24
C GLY A 131 40.03 19.46 -18.66
N MET A 132 38.74 19.19 -18.82
CA MET A 132 38.14 19.15 -20.14
C MET A 132 37.49 20.49 -20.48
N ASP A 133 37.25 20.73 -21.78
CA ASP A 133 36.57 21.93 -22.22
C ASP A 133 35.13 21.55 -22.32
N VAL A 134 34.32 22.32 -21.62
CA VAL A 134 32.92 22.01 -21.52
C VAL A 134 31.98 23.17 -21.82
N THR A 135 30.98 22.93 -22.67
CA THR A 135 29.94 23.91 -22.89
C THR A 135 28.57 23.25 -22.70
N LEU A 136 27.67 23.95 -22.02
CA LEU A 136 26.31 23.48 -21.82
C LEU A 136 25.37 24.30 -22.68
N LEU A 137 24.44 23.61 -23.32
CA LEU A 137 23.44 24.25 -24.14
C LEU A 137 22.14 24.10 -23.40
N GLU A 138 21.52 25.23 -23.07
CA GLU A 138 20.25 25.21 -22.35
C GLU A 138 19.20 26.01 -23.09
N ALA A 139 18.06 25.38 -23.32
CA ALA A 139 16.94 25.99 -24.06
C ALA A 139 16.32 27.17 -23.31
N ARG A 140 16.08 26.99 -22.02
CA ARG A 140 15.49 28.05 -21.18
C ARG A 140 16.40 29.26 -20.99
N ASP A 141 15.85 30.31 -20.39
CA ASP A 141 16.61 31.54 -20.07
C ASP A 141 17.12 31.46 -18.63
N ARG A 142 17.24 30.24 -18.10
CA ARG A 142 17.62 30.02 -16.71
C ARG A 142 18.23 28.64 -16.60
N VAL A 143 18.81 28.37 -15.44
CA VAL A 143 19.49 27.13 -15.18
C VAL A 143 18.54 26.28 -14.36
N GLY A 144 18.96 25.07 -13.96
CA GLY A 144 18.23 24.30 -12.95
C GLY A 144 17.03 23.51 -13.40
N GLY A 145 16.51 23.82 -14.58
CA GLY A 145 15.51 22.97 -15.21
C GLY A 145 14.31 22.71 -14.33
N ARG A 146 14.12 21.43 -13.95
CA ARG A 146 12.97 21.08 -13.10
C ARG A 146 13.12 21.54 -11.62
N VAL A 147 14.19 22.27 -11.34
CA VAL A 147 14.36 22.86 -10.02
C VAL A 147 14.11 24.32 -10.38
N ALA A 148 12.89 24.78 -10.10
CA ALA A 148 12.47 26.13 -10.40
C ALA A 148 11.83 26.80 -9.19
N THR A 149 12.38 27.94 -8.81
CA THR A 149 11.87 28.68 -7.68
C THR A 149 11.11 29.86 -8.26
N PHE A 150 10.28 30.47 -7.44
CA PHE A 150 9.53 31.63 -7.82
C PHE A 150 9.80 32.67 -6.75
N ARG A 151 10.10 33.88 -7.19
CA ARG A 151 10.43 35.01 -6.31
C ARG A 151 9.62 36.26 -6.55
N LYS A 152 9.21 36.88 -5.47
CA LYS A 152 8.69 38.24 -5.49
C LYS A 152 8.99 38.80 -4.11
N GLY A 153 9.89 39.78 -4.03
CA GLY A 153 10.24 40.38 -2.77
C GLY A 153 10.95 39.33 -1.95
N ASN A 154 10.36 38.95 -0.82
CA ASN A 154 10.93 37.94 0.05
C ASN A 154 10.16 36.64 -0.08
N TYR A 155 9.07 36.70 -0.84
CA TYR A 155 8.24 35.54 -1.04
C TYR A 155 8.95 34.60 -2.01
N VAL A 156 9.04 33.35 -1.66
CA VAL A 156 9.84 32.37 -2.37
C VAL A 156 9.07 31.06 -2.31
N ALA A 157 8.82 30.46 -3.47
CA ALA A 157 8.05 29.20 -3.53
C ALA A 157 8.48 28.34 -4.72
N ASP A 158 8.77 27.09 -4.44
CA ASP A 158 9.28 26.19 -5.47
C ASP A 158 8.17 25.63 -6.32
N LEU A 159 8.32 25.72 -7.64
CA LEU A 159 7.33 25.18 -8.54
C LEU A 159 7.72 23.79 -8.97
N GLY A 160 9.01 23.46 -8.80
CA GLY A 160 9.55 22.16 -9.15
C GLY A 160 9.93 21.39 -7.88
N ALA A 161 11.11 20.80 -7.87
CA ALA A 161 11.54 20.05 -6.68
C ALA A 161 11.46 20.92 -5.44
N MET A 162 11.07 20.32 -4.33
CA MET A 162 10.84 21.10 -3.13
C MET A 162 11.32 20.41 -1.86
N VAL A 163 11.31 19.08 -1.86
CA VAL A 163 11.71 18.31 -0.71
C VAL A 163 13.06 17.60 -0.84
N VAL A 164 13.81 17.59 0.27
CA VAL A 164 15.06 16.86 0.41
C VAL A 164 14.60 15.71 1.25
N THR A 165 14.62 14.53 0.66
CA THR A 165 14.07 13.31 1.29
C THR A 165 15.01 12.59 2.24
N GLY A 166 15.50 13.28 3.27
CA GLY A 166 16.34 12.64 4.27
C GLY A 166 17.80 12.84 3.93
N LEU A 167 18.61 13.16 4.93
CA LEU A 167 20.03 13.46 4.71
C LEU A 167 20.97 12.28 4.84
N GLY A 168 20.52 11.20 5.48
CA GLY A 168 21.36 10.00 5.69
C GLY A 168 21.68 9.26 4.40
N GLY A 169 22.88 9.49 3.87
CA GLY A 169 23.31 8.85 2.63
C GLY A 169 23.00 9.69 1.40
N ASN A 170 22.41 10.86 1.62
CA ASN A 170 22.08 11.79 0.55
C ASN A 170 23.27 12.72 0.19
N PRO A 171 23.68 12.74 -1.09
CA PRO A 171 24.73 13.64 -1.55
C PRO A 171 24.35 15.11 -1.35
N MET A 172 23.06 15.40 -1.23
CA MET A 172 22.62 16.78 -0.98
C MET A 172 23.06 17.24 0.40
N ALA A 173 23.46 16.30 1.26
CA ALA A 173 23.94 16.65 2.59
C ALA A 173 25.26 17.38 2.44
N VAL A 174 26.09 16.91 1.51
CA VAL A 174 27.36 17.58 1.25
C VAL A 174 27.08 18.92 0.62
N VAL A 175 26.20 18.94 -0.38
CA VAL A 175 25.85 20.21 -1.06
C VAL A 175 25.32 21.24 -0.08
N SER A 176 24.53 20.82 0.90
CA SER A 176 23.97 21.75 1.89
C SER A 176 25.02 22.37 2.82
N LYS A 177 26.21 21.79 2.90
CA LYS A 177 27.27 22.36 3.72
C LYS A 177 28.07 23.32 2.85
N GLN A 178 28.01 23.12 1.55
CA GLN A 178 28.74 23.94 0.60
C GLN A 178 27.97 25.18 0.20
N VAL A 179 26.65 25.04 0.12
CA VAL A 179 25.80 26.13 -0.32
C VAL A 179 24.93 26.53 0.86
N ASN A 180 24.52 27.76 1.08
CA ASN A 180 23.80 27.93 2.37
C ASN A 180 22.28 27.78 2.32
N MET A 181 21.81 26.62 1.84
CA MET A 181 20.39 26.24 1.94
C MET A 181 19.97 26.27 3.40
N GLU A 182 18.79 26.82 3.64
CA GLU A 182 18.17 26.77 4.94
C GLU A 182 17.16 25.62 4.95
N LEU A 183 17.57 24.47 5.45
CA LEU A 183 16.69 23.30 5.53
C LEU A 183 15.76 23.31 6.72
N ALA A 184 14.52 22.94 6.51
CA ALA A 184 13.49 22.98 7.56
C ALA A 184 12.68 21.72 7.59
N LYS A 185 12.48 21.11 8.75
CA LYS A 185 11.75 19.86 8.87
C LYS A 185 10.30 20.07 8.55
N ILE A 186 9.61 18.97 8.35
CA ILE A 186 8.21 18.99 7.90
C ILE A 186 7.37 18.23 8.91
N LYS A 187 6.52 18.93 9.65
CA LYS A 187 5.71 18.31 10.68
C LYS A 187 4.74 17.40 9.97
N GLN A 188 4.64 16.13 10.37
CA GLN A 188 3.85 15.18 9.53
C GLN A 188 2.32 15.23 9.87
N LYS A 189 1.97 16.00 10.90
CA LYS A 189 0.57 16.24 11.22
C LYS A 189 -0.14 16.86 10.02
N CYS A 190 -1.25 16.25 9.59
CA CYS A 190 -1.97 16.69 8.40
C CYS A 190 -3.48 16.51 8.59
N PRO A 191 -4.16 17.53 9.14
CA PRO A 191 -5.63 17.37 9.24
C PRO A 191 -6.28 17.39 7.85
N LEU A 192 -7.44 16.77 7.74
CA LEU A 192 -8.15 16.67 6.49
C LEU A 192 -9.52 17.32 6.66
N TYR A 193 -10.02 17.90 5.59
CA TYR A 193 -11.35 18.47 5.59
C TYR A 193 -12.16 17.89 4.46
N GLU A 194 -13.33 17.33 4.77
CA GLU A 194 -14.21 16.77 3.73
C GLU A 194 -14.69 17.90 2.84
N ALA A 195 -15.24 17.53 1.69
CA ALA A 195 -15.72 18.51 0.71
C ALA A 195 -16.62 19.59 1.30
N ASN A 196 -17.45 19.23 2.28
CA ASN A 196 -18.36 20.21 2.91
C ASN A 196 -17.61 21.22 3.79
N GLY A 197 -16.31 21.00 3.96
CA GLY A 197 -15.46 21.90 4.74
C GLY A 197 -15.27 21.55 6.20
N GLN A 198 -16.00 20.57 6.70
CA GLN A 198 -15.85 20.15 8.10
C GLN A 198 -14.71 19.14 8.28
N ALA A 199 -13.98 19.29 9.38
CA ALA A 199 -12.83 18.43 9.67
C ALA A 199 -13.15 16.95 9.87
N VAL A 200 -12.18 16.10 9.59
CA VAL A 200 -12.32 14.66 9.74
C VAL A 200 -11.88 14.27 11.13
N PRO A 201 -12.76 13.66 11.94
CA PRO A 201 -12.35 13.15 13.26
C PRO A 201 -11.13 12.19 13.11
N LYS A 202 -10.24 12.17 14.11
CA LYS A 202 -8.95 11.54 13.98
C LYS A 202 -9.11 10.10 14.42
N GLU A 203 -10.35 9.71 14.73
CA GLU A 203 -10.75 8.29 14.76
C GLU A 203 -10.67 7.68 13.35
N LYS A 204 -11.42 8.27 12.42
CA LYS A 204 -11.53 7.76 11.06
C LYS A 204 -10.16 7.80 10.43
N ASP A 205 -9.57 9.00 10.38
CA ASP A 205 -8.27 9.22 9.82
C ASP A 205 -7.31 8.05 10.08
N GLU A 206 -7.12 7.67 11.34
CA GLU A 206 -6.24 6.54 11.69
C GLU A 206 -6.70 5.21 11.10
N MET A 207 -7.97 4.89 11.28
CA MET A 207 -8.54 3.63 10.77
C MET A 207 -8.35 3.50 9.25
N VAL A 208 -8.69 4.56 8.52
CA VAL A 208 -8.58 4.57 7.07
C VAL A 208 -7.13 4.48 6.62
N GLU A 209 -6.22 5.17 7.31
CA GLU A 209 -4.79 5.13 6.98
C GLU A 209 -4.27 3.73 7.17
N GLN A 210 -4.69 3.07 8.24
CA GLN A 210 -4.23 1.73 8.54
C GLN A 210 -4.70 0.80 7.42
N GLU A 211 -5.96 0.97 7.00
CA GLU A 211 -6.51 0.16 5.93
C GLU A 211 -5.76 0.41 4.62
N PHE A 212 -5.45 1.68 4.36
CA PHE A 212 -4.72 2.05 3.16
C PHE A 212 -3.39 1.30 3.14
N ASN A 213 -2.70 1.28 4.29
CA ASN A 213 -1.43 0.58 4.36
C ASN A 213 -1.64 -0.91 4.24
N ARG A 214 -2.71 -1.40 4.84
CA ARG A 214 -3.01 -2.81 4.75
C ARG A 214 -3.27 -3.20 3.28
N LEU A 215 -3.99 -2.37 2.55
CA LEU A 215 -4.25 -2.64 1.15
C LEU A 215 -2.97 -2.62 0.32
N LEU A 216 -2.02 -1.75 0.64
CA LEU A 216 -0.81 -1.77 -0.14
C LEU A 216 -0.07 -3.07 0.12
N GLU A 217 0.04 -3.44 1.38
CA GLU A 217 0.66 -4.70 1.79
C GLU A 217 0.00 -5.86 1.08
N ALA A 218 -1.33 -5.79 0.94
CA ALA A 218 -2.10 -6.81 0.25
C ALA A 218 -1.74 -6.97 -1.24
N THR A 219 -1.45 -5.87 -1.92
CA THR A 219 -1.12 -5.96 -3.33
C THR A 219 0.24 -6.60 -3.50
N SER A 220 1.10 -6.41 -2.49
CA SER A 220 2.44 -7.00 -2.52
C SER A 220 2.33 -8.51 -2.37
N TYR A 221 1.39 -8.96 -1.55
CA TYR A 221 1.13 -10.39 -1.39
C TYR A 221 0.63 -10.95 -2.70
N LEU A 222 -0.30 -10.24 -3.31
CA LEU A 222 -0.84 -10.66 -4.62
C LEU A 222 0.26 -10.81 -5.64
N SER A 223 1.27 -9.97 -5.53
CA SER A 223 2.35 -9.96 -6.52
C SER A 223 3.40 -11.04 -6.30
N HIS A 224 3.91 -11.16 -5.07
CA HIS A 224 4.98 -12.10 -4.73
C HIS A 224 4.50 -13.52 -4.42
N GLN A 225 3.35 -13.65 -3.79
CA GLN A 225 2.88 -14.99 -3.41
C GLN A 225 1.99 -15.66 -4.46
N LEU A 226 1.12 -14.92 -5.11
CA LEU A 226 0.15 -15.51 -6.01
C LEU A 226 0.61 -15.30 -7.46
N ASP A 227 1.71 -14.56 -7.61
CA ASP A 227 2.29 -14.22 -8.93
C ASP A 227 1.22 -13.64 -9.90
N PHE A 228 0.35 -12.79 -9.36
CA PHE A 228 -0.69 -12.10 -10.09
C PHE A 228 -0.05 -10.89 -10.74
N ASN A 229 0.74 -11.11 -11.77
CA ASN A 229 1.41 -9.99 -12.43
C ASN A 229 1.12 -9.86 -13.91
N VAL A 230 0.29 -10.77 -14.46
CA VAL A 230 -0.11 -10.77 -15.85
C VAL A 230 -1.60 -11.05 -15.91
N LEU A 231 -2.31 -10.26 -16.70
CA LEU A 231 -3.75 -10.47 -16.91
C LEU A 231 -4.08 -10.18 -18.37
N ASN A 232 -4.39 -11.25 -19.13
CA ASN A 232 -4.72 -11.15 -20.55
C ASN A 232 -3.52 -10.63 -21.32
N ASN A 233 -2.36 -11.27 -21.08
CA ASN A 233 -1.09 -10.91 -21.72
C ASN A 233 -0.61 -9.49 -21.42
N LYS A 234 -1.32 -8.82 -20.51
CA LYS A 234 -0.96 -7.46 -20.13
C LYS A 234 -0.47 -7.37 -18.70
N PRO A 235 0.56 -6.53 -18.48
CA PRO A 235 1.08 -6.28 -17.14
C PRO A 235 0.03 -5.69 -16.23
N VAL A 236 -0.04 -6.21 -15.01
CA VAL A 236 -0.98 -5.73 -14.01
C VAL A 236 -0.46 -4.44 -13.40
N SER A 237 -1.38 -3.50 -13.20
CA SER A 237 -1.05 -2.22 -12.61
C SER A 237 -1.40 -2.21 -11.15
N LEU A 238 -0.80 -1.30 -10.39
CA LEU A 238 -1.11 -1.19 -8.96
C LEU A 238 -2.61 -0.92 -8.79
N GLY A 239 -3.12 0.03 -9.57
CA GLY A 239 -4.53 0.38 -9.58
C GLY A 239 -5.44 -0.87 -9.65
N GLN A 240 -5.21 -1.66 -10.69
CA GLN A 240 -5.97 -2.90 -10.90
C GLN A 240 -5.92 -3.80 -9.67
N ALA A 241 -4.72 -4.01 -9.15
CA ALA A 241 -4.55 -4.88 -8.01
C ALA A 241 -5.37 -4.36 -6.85
N LEU A 242 -5.29 -3.06 -6.56
CA LEU A 242 -6.08 -2.49 -5.47
C LEU A 242 -7.58 -2.71 -5.65
N GLU A 243 -8.05 -2.50 -6.89
CA GLU A 243 -9.47 -2.70 -7.18
C GLU A 243 -9.85 -4.15 -6.87
N VAL A 244 -8.99 -5.11 -7.23
CA VAL A 244 -9.27 -6.52 -6.97
C VAL A 244 -9.33 -6.80 -5.47
N VAL A 245 -8.35 -6.28 -4.74
CA VAL A 245 -8.29 -6.49 -3.31
C VAL A 245 -9.53 -5.93 -2.60
N ILE A 246 -9.94 -4.74 -3.03
CA ILE A 246 -11.11 -4.10 -2.46
C ILE A 246 -12.38 -4.88 -2.78
N GLN A 247 -12.47 -5.37 -4.00
CA GLN A 247 -13.63 -6.14 -4.37
C GLN A 247 -13.70 -7.42 -3.52
N LEU A 248 -12.54 -8.04 -3.29
CA LEU A 248 -12.51 -9.25 -2.47
C LEU A 248 -12.91 -9.02 -1.02
N GLN A 249 -12.61 -7.81 -0.51
CA GLN A 249 -12.99 -7.45 0.87
C GLN A 249 -14.50 -7.22 0.91
N GLU A 250 -15.04 -6.67 -0.17
CA GLU A 250 -16.48 -6.44 -0.25
C GLU A 250 -17.18 -7.80 -0.31
N LYS A 251 -16.57 -8.72 -1.05
CA LYS A 251 -17.07 -10.08 -1.18
C LYS A 251 -17.06 -10.76 0.19
N HIS A 252 -15.97 -10.60 0.92
CA HIS A 252 -15.87 -11.22 2.24
C HIS A 252 -16.94 -10.69 3.21
N VAL A 253 -17.25 -9.41 3.13
CA VAL A 253 -18.27 -8.82 4.00
C VAL A 253 -19.61 -9.48 3.73
N LYS A 254 -19.89 -9.71 2.45
CA LYS A 254 -21.13 -10.37 2.04
C LYS A 254 -21.11 -11.85 2.36
N ASP A 255 -19.94 -12.48 2.30
CA ASP A 255 -19.84 -13.90 2.62
C ASP A 255 -20.14 -14.11 4.11
N GLU A 256 -19.68 -13.20 4.94
CA GLU A 256 -19.91 -13.26 6.39
C GLU A 256 -21.36 -12.96 6.74
N GLN A 257 -21.97 -12.03 6.02
CA GLN A 257 -23.37 -11.68 6.27
C GLN A 257 -24.22 -12.91 6.00
N ILE A 258 -23.94 -13.57 4.87
CA ILE A 258 -24.66 -14.77 4.48
C ILE A 258 -24.52 -15.86 5.54
N GLU A 259 -23.28 -16.18 5.93
CA GLU A 259 -23.12 -17.24 6.94
C GLU A 259 -23.76 -16.87 8.28
N HIS A 260 -23.86 -15.58 8.58
CA HIS A 260 -24.51 -15.15 9.83
C HIS A 260 -26.00 -15.38 9.75
N TRP A 261 -26.63 -14.94 8.65
CA TRP A 261 -28.08 -15.14 8.51
C TRP A 261 -28.43 -16.62 8.30
N LYS A 262 -27.49 -17.42 7.81
CA LYS A 262 -27.72 -18.85 7.62
C LYS A 262 -27.69 -19.58 8.95
N LYS A 263 -27.00 -19.02 9.93
CA LYS A 263 -26.93 -19.62 11.25
C LYS A 263 -28.24 -19.33 11.95
N ILE A 264 -28.83 -18.20 11.60
CA ILE A 264 -30.10 -17.82 12.18
C ILE A 264 -31.19 -18.76 11.67
N VAL A 265 -31.28 -18.96 10.35
CA VAL A 265 -32.24 -19.86 9.73
C VAL A 265 -32.09 -21.27 10.29
N LYS A 266 -30.86 -21.77 10.35
CA LYS A 266 -30.61 -23.10 10.84
C LYS A 266 -31.17 -23.29 12.25
N THR A 267 -30.97 -22.30 13.11
CA THR A 267 -31.47 -22.30 14.48
C THR A 267 -32.98 -22.12 14.47
N GLN A 268 -33.44 -21.14 13.70
CA GLN A 268 -34.88 -20.90 13.52
C GLN A 268 -35.61 -22.20 13.15
N GLU A 269 -34.94 -23.09 12.41
CA GLU A 269 -35.52 -24.36 11.98
C GLU A 269 -35.54 -25.38 13.10
N GLU A 270 -34.51 -25.44 13.93
CA GLU A 270 -34.50 -26.38 15.06
C GLU A 270 -35.69 -26.05 15.96
N LEU A 271 -35.93 -24.75 16.09
CA LEU A 271 -36.94 -24.22 16.97
C LEU A 271 -38.31 -24.67 16.52
N LYS A 272 -38.57 -24.54 15.22
CA LYS A 272 -39.88 -24.89 14.71
C LYS A 272 -40.12 -26.40 14.84
N GLU A 273 -39.11 -27.24 14.68
CA GLU A 273 -39.27 -28.69 14.89
C GLU A 273 -39.60 -28.98 16.35
N LEU A 274 -38.96 -28.24 17.25
CA LEU A 274 -39.21 -28.43 18.68
C LEU A 274 -40.60 -27.94 19.04
N LEU A 275 -41.01 -26.80 18.46
CA LEU A 275 -42.33 -26.26 18.73
C LEU A 275 -43.42 -27.23 18.26
N ASN A 276 -43.20 -27.83 17.08
CA ASN A 276 -44.14 -28.82 16.56
C ASN A 276 -44.29 -29.97 17.51
N LYS A 277 -43.17 -30.48 18.03
CA LYS A 277 -43.22 -31.57 19.02
C LYS A 277 -44.01 -31.14 20.22
N MET A 278 -43.72 -29.94 20.72
CA MET A 278 -44.41 -29.40 21.88
C MET A 278 -45.93 -29.28 21.66
N VAL A 279 -46.34 -28.78 20.50
CA VAL A 279 -47.76 -28.64 20.21
C VAL A 279 -48.47 -29.99 20.18
N ASN A 280 -47.83 -30.98 19.55
CA ASN A 280 -48.37 -32.34 19.49
C ASN A 280 -48.42 -32.97 20.87
N LEU A 281 -47.38 -32.70 21.65
CA LEU A 281 -47.28 -33.24 23.00
C LEU A 281 -48.35 -32.63 23.90
N LYS A 282 -48.65 -31.35 23.69
CA LYS A 282 -49.68 -30.69 24.49
C LYS A 282 -51.04 -31.29 24.18
N GLU A 283 -51.26 -31.69 22.92
CA GLU A 283 -52.52 -32.29 22.53
C GLU A 283 -52.67 -33.61 23.26
N LYS A 284 -51.62 -34.43 23.20
CA LYS A 284 -51.59 -35.74 23.85
C LYS A 284 -51.87 -35.60 25.34
N ILE A 285 -51.21 -34.62 25.96
CA ILE A 285 -51.38 -34.38 27.39
C ILE A 285 -52.80 -33.96 27.69
N LYS A 286 -53.35 -33.06 26.87
CA LYS A 286 -54.69 -32.57 27.06
C LYS A 286 -55.71 -33.75 26.99
N GLU A 287 -55.45 -34.66 26.05
CA GLU A 287 -56.30 -35.81 25.86
C GLU A 287 -56.17 -36.85 27.03
N LEU A 288 -54.93 -37.10 27.46
CA LEU A 288 -54.70 -38.03 28.54
C LEU A 288 -55.32 -37.56 29.82
N HIS A 289 -55.22 -36.26 30.09
CA HIS A 289 -55.80 -35.68 31.30
C HIS A 289 -57.29 -35.94 31.35
N GLN A 290 -57.95 -35.77 30.21
CA GLN A 290 -59.39 -36.01 30.11
C GLN A 290 -59.68 -37.46 30.44
N GLN A 291 -58.87 -38.36 29.92
CA GLN A 291 -59.05 -39.79 30.18
C GLN A 291 -58.82 -40.11 31.65
N TYR A 292 -57.77 -39.51 32.21
CA TYR A 292 -57.43 -39.72 33.61
C TYR A 292 -58.56 -39.20 34.47
N LYS A 293 -59.16 -38.07 34.09
CA LYS A 293 -60.39 -37.68 34.84
C LYS A 293 -61.56 -38.67 34.70
N GLU A 294 -61.90 -39.09 33.51
CA GLU A 294 -62.95 -40.08 33.33
C GLU A 294 -62.68 -41.31 34.20
N ALA A 295 -61.39 -41.62 34.39
CA ALA A 295 -61.05 -42.84 35.12
C ALA A 295 -61.22 -42.61 36.58
N SER A 296 -60.80 -41.43 37.04
CA SER A 296 -60.84 -41.07 38.47
C SER A 296 -62.25 -40.77 38.98
N GLU A 297 -63.20 -40.69 38.04
CA GLU A 297 -64.60 -40.36 38.41
C GLU A 297 -65.38 -41.63 38.64
N VAL A 298 -64.82 -42.79 38.33
CA VAL A 298 -65.41 -44.07 38.67
C VAL A 298 -65.11 -44.11 40.14
N LYS A 299 -66.08 -43.77 40.98
CA LYS A 299 -65.88 -43.74 42.41
C LYS A 299 -65.66 -45.15 42.94
N PRO A 300 -64.84 -45.28 44.01
CA PRO A 300 -64.66 -46.57 44.67
C PRO A 300 -65.90 -46.98 45.47
N PRO A 301 -66.01 -48.25 45.85
CA PRO A 301 -64.98 -49.23 45.55
C PRO A 301 -64.81 -49.54 44.05
N ARG A 302 -63.64 -50.09 43.71
CA ARG A 302 -63.36 -50.49 42.34
C ARG A 302 -62.45 -51.69 42.17
N ASP A 303 -62.72 -52.53 41.19
CA ASP A 303 -61.91 -53.70 40.94
C ASP A 303 -60.49 -53.25 40.53
N ILE A 304 -59.54 -54.17 40.59
CA ILE A 304 -58.15 -53.81 40.37
C ILE A 304 -57.79 -53.27 38.96
N THR A 305 -58.57 -53.61 37.93
CA THR A 305 -58.25 -53.08 36.57
C THR A 305 -58.59 -51.60 36.50
N ALA A 306 -59.71 -51.22 37.14
CA ALA A 306 -60.13 -49.81 37.22
C ALA A 306 -59.07 -49.00 37.93
N GLU A 307 -58.60 -49.53 39.05
CA GLU A 307 -57.54 -48.93 39.87
C GLU A 307 -56.30 -48.86 39.02
N PHE A 308 -55.99 -49.95 38.33
CA PHE A 308 -54.80 -49.96 37.48
C PHE A 308 -54.89 -48.84 36.44
N LEU A 309 -56.06 -48.69 35.83
CA LEU A 309 -56.27 -47.67 34.82
C LEU A 309 -55.94 -46.25 35.34
N VAL A 310 -56.46 -45.92 36.51
CA VAL A 310 -56.20 -44.62 37.11
C VAL A 310 -54.72 -44.42 37.38
N LYS A 311 -54.10 -45.36 38.09
CA LYS A 311 -52.68 -45.29 38.41
C LYS A 311 -51.80 -45.27 37.15
N SER A 312 -52.17 -46.11 36.19
CA SER A 312 -51.45 -46.21 34.93
C SER A 312 -51.48 -44.90 34.13
N LYS A 313 -52.67 -44.35 33.97
CA LYS A 313 -52.83 -43.09 33.24
C LYS A 313 -52.07 -41.98 33.95
N HIS A 314 -52.11 -42.01 35.28
CA HIS A 314 -51.43 -41.00 36.10
C HIS A 314 -49.95 -41.00 35.76
N ARG A 315 -49.34 -42.17 35.81
CA ARG A 315 -47.91 -42.31 35.51
C ARG A 315 -47.56 -41.82 34.09
N ASP A 316 -48.35 -42.23 33.11
CA ASP A 316 -48.13 -41.83 31.73
C ASP A 316 -48.24 -40.32 31.55
N LEU A 317 -49.16 -39.72 32.30
CA LEU A 317 -49.38 -38.28 32.24
C LEU A 317 -48.17 -37.53 32.84
N THR A 318 -47.69 -37.99 34.00
CA THR A 318 -46.53 -37.35 34.63
C THR A 318 -45.30 -37.46 33.73
N ALA A 319 -45.07 -38.65 33.18
CA ALA A 319 -43.95 -38.88 32.28
C ALA A 319 -43.96 -37.89 31.11
N LEU A 320 -45.13 -37.71 30.51
CA LEU A 320 -45.28 -36.79 29.39
C LEU A 320 -45.12 -35.34 29.81
N CYS A 321 -45.56 -35.00 31.01
CA CYS A 321 -45.40 -33.63 31.51
C CYS A 321 -43.92 -33.34 31.73
N LYS A 322 -43.16 -34.37 32.07
CA LYS A 322 -41.72 -34.25 32.27
C LYS A 322 -41.06 -33.99 30.92
N GLU A 323 -41.57 -34.64 29.87
CA GLU A 323 -41.03 -34.47 28.53
C GLU A 323 -41.26 -33.05 28.04
N TYR A 324 -42.44 -32.51 28.36
CA TYR A 324 -42.80 -31.16 27.96
C TYR A 324 -41.93 -30.11 28.64
N ASP A 325 -41.66 -30.30 29.93
CA ASP A 325 -40.84 -29.37 30.69
C ASP A 325 -39.41 -29.31 30.21
N GLU A 326 -38.93 -30.44 29.67
CA GLU A 326 -37.58 -30.56 29.13
C GLU A 326 -37.51 -29.79 27.83
N LEU A 327 -38.55 -29.92 27.01
CA LEU A 327 -38.61 -29.24 25.73
C LEU A 327 -38.80 -27.73 25.94
N ALA A 328 -39.50 -27.36 27.00
CA ALA A 328 -39.72 -25.94 27.31
C ALA A 328 -38.40 -25.31 27.75
N GLU A 329 -37.56 -26.14 28.36
CA GLU A 329 -36.24 -25.72 28.83
C GLU A 329 -35.37 -25.44 27.62
N THR A 330 -35.48 -26.31 26.61
CA THR A 330 -34.72 -26.17 25.35
C THR A 330 -35.22 -24.99 24.55
N GLN A 331 -36.52 -24.69 24.65
CA GLN A 331 -37.11 -23.55 23.95
C GLN A 331 -36.50 -22.23 24.42
N GLY A 332 -36.33 -22.09 25.74
CA GLY A 332 -35.73 -20.90 26.34
C GLY A 332 -34.28 -20.70 25.94
N LYS A 333 -33.58 -21.80 25.66
CA LYS A 333 -32.19 -21.76 25.24
C LYS A 333 -32.06 -21.30 23.81
N LEU A 334 -32.91 -21.84 22.95
CA LEU A 334 -32.91 -21.47 21.53
C LEU A 334 -33.40 -20.04 21.34
N GLU A 335 -34.44 -19.66 22.08
CA GLU A 335 -34.99 -18.31 22.00
C GLU A 335 -33.95 -17.24 22.32
N GLU A 336 -33.16 -17.47 23.36
CA GLU A 336 -32.11 -16.55 23.78
C GLU A 336 -30.92 -16.58 22.81
N LYS A 337 -30.65 -17.77 22.26
CA LYS A 337 -29.57 -17.93 21.30
C LYS A 337 -29.88 -17.11 20.04
N LEU A 338 -31.15 -16.80 19.83
CA LEU A 338 -31.60 -16.01 18.69
C LEU A 338 -31.51 -14.51 18.96
N GLN A 339 -31.84 -14.10 20.19
CA GLN A 339 -31.78 -12.68 20.57
C GLN A 339 -30.33 -12.25 20.59
N GLU A 340 -29.44 -13.26 20.67
CA GLU A 340 -28.00 -13.02 20.67
C GLU A 340 -27.51 -12.77 19.26
N LEU A 341 -27.91 -13.63 18.34
CA LEU A 341 -27.51 -13.49 16.94
C LEU A 341 -28.17 -12.26 16.32
N GLU A 342 -29.45 -12.06 16.62
CA GLU A 342 -30.18 -10.89 16.08
C GLU A 342 -29.51 -9.60 16.54
N ALA A 343 -28.91 -9.60 17.74
CA ALA A 343 -28.21 -8.43 18.26
C ALA A 343 -26.75 -8.26 17.77
N ASN A 344 -26.17 -9.33 17.24
CA ASN A 344 -24.76 -9.31 16.79
C ASN A 344 -24.58 -9.58 15.30
N PRO A 345 -25.07 -8.65 14.45
CA PRO A 345 -24.81 -8.84 13.03
C PRO A 345 -23.37 -8.50 12.70
N PRO A 346 -22.82 -9.12 11.64
CA PRO A 346 -21.48 -8.81 11.23
C PRO A 346 -21.53 -7.50 10.48
N SER A 347 -20.39 -6.84 10.33
CA SER A 347 -20.33 -5.53 9.75
C SER A 347 -21.08 -5.37 8.40
N ASP A 348 -21.58 -4.17 8.23
CA ASP A 348 -22.59 -3.89 7.24
C ASP A 348 -22.04 -3.70 5.83
N VAL A 349 -20.95 -2.95 5.72
CA VAL A 349 -20.27 -2.69 4.45
C VAL A 349 -18.76 -2.77 4.65
N TYR A 350 -18.03 -2.81 3.53
CA TYR A 350 -16.57 -2.83 3.63
C TYR A 350 -16.18 -1.41 3.86
N LEU A 351 -16.68 -0.47 3.03
CA LEU A 351 -16.41 0.94 3.23
C LEU A 351 -17.66 1.79 3.05
N SER A 352 -17.94 2.64 4.02
CA SER A 352 -18.99 3.65 3.85
C SER A 352 -18.45 4.65 2.83
N SER A 353 -19.35 5.25 2.03
CA SER A 353 -18.94 6.17 0.98
C SER A 353 -18.08 7.32 1.49
N ARG A 354 -18.26 7.69 2.76
CA ARG A 354 -17.38 8.65 3.42
C ARG A 354 -15.98 8.04 3.56
N ASP A 355 -15.95 6.79 4.02
CA ASP A 355 -14.70 6.07 4.20
C ASP A 355 -13.93 5.99 2.88
N ARG A 356 -14.67 5.70 1.81
CA ARG A 356 -14.08 5.58 0.49
C ARG A 356 -13.48 6.90 0.01
N GLN A 357 -14.13 8.02 0.31
CA GLN A 357 -13.62 9.32 -0.08
C GLN A 357 -12.32 9.61 0.64
N ILE A 358 -12.29 9.32 1.94
CA ILE A 358 -11.08 9.55 2.72
C ILE A 358 -9.97 8.63 2.20
N LEU A 359 -10.34 7.40 1.87
CA LEU A 359 -9.37 6.45 1.32
C LEU A 359 -8.82 6.97 0.00
N ASP A 360 -9.69 7.55 -0.82
CA ASP A 360 -9.26 8.13 -2.08
C ASP A 360 -8.27 9.26 -1.87
N TRP A 361 -8.35 9.92 -0.71
CA TRP A 361 -7.41 11.00 -0.43
C TRP A 361 -6.02 10.37 -0.32
N HIS A 362 -5.93 9.26 0.38
CA HIS A 362 -4.65 8.59 0.52
C HIS A 362 -4.12 8.11 -0.82
N PHE A 363 -5.01 7.63 -1.69
CA PHE A 363 -4.58 7.20 -3.02
C PHE A 363 -4.09 8.41 -3.83
N ALA A 364 -4.80 9.51 -3.70
CA ALA A 364 -4.41 10.74 -4.39
C ALA A 364 -3.00 11.12 -3.94
N ASN A 365 -2.75 10.95 -2.64
CA ASN A 365 -1.47 11.27 -2.07
C ASN A 365 -0.34 10.41 -2.66
N LEU A 366 -0.64 9.14 -2.90
CA LEU A 366 0.29 8.21 -3.51
C LEU A 366 0.47 8.58 -4.98
N GLU A 367 -0.61 9.01 -5.62
CA GLU A 367 -0.57 9.41 -7.02
C GLU A 367 0.30 10.66 -7.15
N PHE A 368 0.26 11.49 -6.12
CA PHE A 368 1.08 12.69 -6.11
C PHE A 368 2.55 12.29 -5.95
N ALA A 369 2.86 11.46 -4.97
CA ALA A 369 4.24 11.02 -4.77
C ALA A 369 4.85 10.40 -6.04
N ASN A 370 4.09 9.59 -6.76
CA ASN A 370 4.60 8.97 -7.97
C ASN A 370 4.32 9.77 -9.24
N ALA A 371 3.70 10.92 -9.08
CA ALA A 371 3.34 11.79 -10.21
C ALA A 371 2.64 11.05 -11.34
N THR A 372 1.72 10.17 -10.98
CA THR A 372 0.99 9.43 -12.01
C THR A 372 -0.18 8.65 -11.41
N PRO A 373 -1.23 8.41 -12.21
CA PRO A 373 -2.35 7.66 -11.67
C PRO A 373 -1.93 6.23 -11.31
N LEU A 374 -2.51 5.68 -10.25
CA LEU A 374 -2.19 4.31 -9.84
C LEU A 374 -2.43 3.26 -10.94
N SER A 375 -3.26 3.58 -11.90
CA SER A 375 -3.57 2.67 -12.99
C SER A 375 -2.42 2.52 -14.00
N THR A 376 -1.36 3.31 -13.84
CA THR A 376 -0.22 3.27 -14.77
C THR A 376 1.03 2.60 -14.16
N LEU A 377 1.04 2.45 -12.82
CA LEU A 377 2.25 1.91 -12.16
C LEU A 377 2.33 0.40 -12.24
N SER A 378 3.56 -0.09 -12.42
CA SER A 378 3.81 -1.52 -12.48
C SER A 378 3.53 -2.15 -11.12
N LEU A 379 2.68 -3.18 -11.05
CA LEU A 379 2.44 -3.76 -9.73
C LEU A 379 3.71 -4.42 -9.22
N LYS A 380 4.45 -5.06 -10.13
CA LYS A 380 5.64 -5.77 -9.73
C LYS A 380 6.82 -4.90 -9.35
N HIS A 381 7.01 -3.75 -9.99
CA HIS A 381 8.17 -2.92 -9.74
C HIS A 381 7.97 -1.45 -9.30
N TRP A 382 6.73 -1.00 -9.10
CA TRP A 382 6.54 0.41 -8.77
C TRP A 382 7.39 0.92 -7.60
N ASP A 383 7.65 0.05 -6.64
CA ASP A 383 8.44 0.41 -5.47
C ASP A 383 9.85 -0.22 -5.51
N GLN A 384 10.40 -0.44 -6.71
CA GLN A 384 11.70 -1.13 -6.83
C GLN A 384 12.88 -0.42 -6.14
N ASP A 385 12.75 0.87 -5.92
CA ASP A 385 13.76 1.71 -5.31
C ASP A 385 13.58 1.98 -3.80
N ASP A 386 12.55 1.39 -3.19
CA ASP A 386 12.27 1.62 -1.76
C ASP A 386 13.41 1.25 -0.81
N ASP A 387 14.16 0.19 -1.13
CA ASP A 387 15.30 -0.22 -0.29
C ASP A 387 16.47 0.76 -0.23
N PHE A 388 16.48 1.75 -1.12
CA PHE A 388 17.58 2.72 -1.15
C PHE A 388 17.26 4.05 -0.49
N GLU A 389 16.15 4.11 0.24
CA GLU A 389 15.73 5.37 0.86
C GLU A 389 16.72 5.83 1.94
N PHE A 390 16.84 7.15 2.03
CA PHE A 390 17.74 7.76 2.99
C PHE A 390 17.12 7.81 4.37
N THR A 391 17.94 8.06 5.39
CA THR A 391 17.40 8.20 6.73
C THR A 391 17.33 9.67 7.13
N GLY A 392 16.57 9.94 8.19
CA GLY A 392 16.37 11.28 8.68
C GLY A 392 15.07 11.82 8.15
N SER A 393 14.67 12.97 8.69
CA SER A 393 13.42 13.58 8.31
C SER A 393 13.51 14.27 6.96
N HIS A 394 12.36 14.36 6.31
CA HIS A 394 12.25 15.10 5.07
C HIS A 394 12.30 16.57 5.38
N LEU A 395 12.85 17.34 4.46
CA LEU A 395 13.12 18.76 4.66
C LEU A 395 12.73 19.56 3.44
N THR A 396 12.58 20.87 3.59
CA THR A 396 12.27 21.76 2.48
C THR A 396 13.31 22.83 2.49
N VAL A 397 13.62 23.40 1.33
CA VAL A 397 14.59 24.47 1.23
C VAL A 397 13.87 25.79 1.40
N ARG A 398 13.96 26.34 2.59
CA ARG A 398 13.29 27.59 2.96
C ARG A 398 13.60 28.78 2.06
N ASN A 399 14.82 28.85 1.53
CA ASN A 399 15.19 29.95 0.66
C ASN A 399 15.14 29.60 -0.84
N GLY A 400 14.46 28.51 -1.18
CA GLY A 400 14.26 28.13 -2.56
C GLY A 400 15.36 27.22 -3.07
N TYR A 401 14.97 26.07 -3.61
CA TYR A 401 15.94 25.07 -4.11
C TYR A 401 16.85 25.59 -5.22
N SER A 402 16.40 26.59 -5.98
CA SER A 402 17.20 27.15 -7.06
C SER A 402 18.58 27.61 -6.63
N CYS A 403 18.78 27.82 -5.33
CA CYS A 403 20.08 28.28 -4.84
C CYS A 403 21.18 27.27 -5.19
N VAL A 404 20.79 26.01 -5.33
CA VAL A 404 21.73 24.94 -5.67
C VAL A 404 22.25 25.05 -7.12
N PRO A 405 21.36 24.91 -8.14
CA PRO A 405 21.85 25.06 -9.50
C PRO A 405 22.50 26.42 -9.75
N VAL A 406 21.91 27.49 -9.24
CA VAL A 406 22.52 28.79 -9.44
C VAL A 406 23.97 28.76 -8.96
N ALA A 407 24.21 28.15 -7.80
CA ALA A 407 25.58 28.05 -7.27
C ALA A 407 26.47 27.15 -8.12
N LEU A 408 25.92 26.01 -8.54
CA LEU A 408 26.67 25.06 -9.34
C LEU A 408 27.06 25.65 -10.67
N ALA A 409 26.30 26.62 -11.16
CA ALA A 409 26.58 27.25 -12.45
C ALA A 409 27.77 28.21 -12.44
N GLU A 410 28.20 28.65 -11.26
CA GLU A 410 29.30 29.60 -11.18
C GLU A 410 30.56 29.13 -11.91
N GLY A 411 31.05 29.94 -12.85
CA GLY A 411 32.28 29.57 -13.56
C GLY A 411 32.16 28.57 -14.70
N LEU A 412 30.97 28.10 -15.00
CA LEU A 412 30.74 27.24 -16.15
C LEU A 412 30.29 28.04 -17.37
N ASP A 413 30.57 27.55 -18.58
CA ASP A 413 30.20 28.21 -19.81
C ASP A 413 28.83 27.69 -20.25
N ILE A 414 27.81 28.47 -19.93
CA ILE A 414 26.45 28.05 -20.25
C ILE A 414 25.81 28.95 -21.29
N LYS A 415 25.26 28.35 -22.34
CA LYS A 415 24.61 29.13 -23.38
C LYS A 415 23.11 28.98 -23.21
N LEU A 416 22.49 30.03 -22.67
CA LEU A 416 21.05 30.05 -22.42
C LEU A 416 20.31 30.33 -23.71
N ASN A 417 19.00 30.10 -23.74
CA ASN A 417 18.19 30.33 -24.95
C ASN A 417 18.74 29.71 -26.21
N THR A 418 19.29 28.51 -26.05
CA THR A 418 19.86 27.76 -27.13
C THR A 418 19.20 26.40 -27.11
N ALA A 419 18.28 26.18 -28.04
CA ALA A 419 17.57 24.91 -28.10
C ALA A 419 18.22 23.98 -29.13
N VAL A 420 18.67 22.83 -28.64
CA VAL A 420 19.27 21.85 -29.52
C VAL A 420 18.19 21.26 -30.39
N ARG A 421 18.48 21.14 -31.67
CA ARG A 421 17.55 20.59 -32.65
C ARG A 421 18.04 19.26 -33.20
N GLN A 422 19.34 19.10 -33.31
CA GLN A 422 19.89 17.87 -33.85
C GLN A 422 21.24 17.49 -33.27
N VAL A 423 21.42 16.19 -33.04
CA VAL A 423 22.65 15.66 -32.50
C VAL A 423 23.23 14.65 -33.48
N ARG A 424 24.39 14.97 -34.02
CA ARG A 424 25.11 14.12 -34.96
C ARG A 424 26.33 13.54 -34.30
N TYR A 425 26.47 12.22 -34.36
CA TYR A 425 27.59 11.56 -33.72
C TYR A 425 28.22 10.55 -34.69
N THR A 426 29.52 10.66 -34.85
CA THR A 426 30.22 9.86 -35.85
C THR A 426 31.48 9.28 -35.23
N ALA A 427 32.10 8.35 -35.95
CA ALA A 427 33.41 7.84 -35.55
C ALA A 427 34.35 8.98 -35.15
N SER A 428 34.33 10.07 -35.88
CA SER A 428 35.35 11.09 -35.77
C SER A 428 35.05 12.21 -34.77
N GLY A 429 33.84 12.21 -34.22
CA GLY A 429 33.42 13.33 -33.40
C GLY A 429 31.94 13.61 -33.56
N CYS A 430 31.44 14.59 -32.84
CA CYS A 430 30.05 14.95 -32.91
C CYS A 430 29.85 16.38 -33.34
N GLU A 431 28.67 16.64 -33.92
CA GLU A 431 28.22 18.00 -34.03
C GLU A 431 26.78 18.15 -33.62
N VAL A 432 26.53 19.26 -32.98
CA VAL A 432 25.22 19.54 -32.37
C VAL A 432 24.68 20.79 -33.03
N ILE A 433 23.45 20.70 -33.57
CA ILE A 433 22.82 21.84 -34.17
C ILE A 433 21.78 22.40 -33.22
N ALA A 434 21.88 23.69 -32.97
CA ALA A 434 20.96 24.39 -32.06
C ALA A 434 20.51 25.73 -32.62
N VAL A 435 19.36 26.19 -32.13
CA VAL A 435 18.84 27.48 -32.56
C VAL A 435 18.66 28.40 -31.37
N ASN A 436 18.51 29.68 -31.66
CA ASN A 436 18.25 30.68 -30.63
C ASN A 436 16.75 30.67 -30.40
N THR A 437 16.31 30.38 -29.18
CA THR A 437 14.89 30.36 -28.85
C THR A 437 14.13 31.67 -29.11
N ARG A 438 14.83 32.80 -29.11
CA ARG A 438 14.23 34.11 -29.27
C ARG A 438 14.08 34.53 -30.75
N SER A 439 14.72 33.82 -31.67
CA SER A 439 14.54 33.99 -33.12
C SER A 439 15.18 32.75 -33.73
N THR A 440 14.29 31.79 -33.99
CA THR A 440 14.67 30.44 -34.52
C THR A 440 15.52 30.42 -35.81
N SER A 441 15.53 31.47 -36.64
CA SER A 441 16.38 31.47 -37.82
C SER A 441 17.89 31.41 -37.46
N GLN A 442 18.25 32.03 -36.33
CA GLN A 442 19.65 32.04 -35.88
C GLN A 442 20.13 30.65 -35.48
N THR A 443 21.07 30.12 -36.25
CA THR A 443 21.58 28.75 -36.05
C THR A 443 23.02 28.65 -35.53
N PHE A 444 23.26 27.65 -34.69
CA PHE A 444 24.57 27.39 -34.10
C PHE A 444 25.03 25.96 -34.30
N ILE A 445 26.31 25.79 -34.57
CA ILE A 445 26.91 24.48 -34.78
C ILE A 445 28.00 24.29 -33.74
N TYR A 446 27.99 23.19 -33.02
CA TYR A 446 29.00 22.96 -32.02
C TYR A 446 29.66 21.62 -32.27
N LYS A 447 30.97 21.64 -32.51
CA LYS A 447 31.67 20.36 -32.74
C LYS A 447 32.34 19.93 -31.45
N CYS A 448 32.30 18.63 -31.14
CA CYS A 448 32.92 18.16 -29.92
C CYS A 448 33.35 16.72 -30.07
N ASP A 449 34.09 16.21 -29.08
CA ASP A 449 34.51 14.83 -29.05
C ASP A 449 33.41 13.91 -28.53
N ALA A 450 32.56 14.46 -27.67
CA ALA A 450 31.49 13.72 -27.00
C ALA A 450 30.30 14.60 -26.64
N VAL A 451 29.12 13.98 -26.60
CA VAL A 451 27.89 14.68 -26.22
C VAL A 451 27.26 13.98 -25.01
N LEU A 452 26.97 14.77 -23.96
CA LEU A 452 26.29 14.24 -22.82
C LEU A 452 24.89 14.79 -22.87
N CYS A 453 23.93 13.89 -23.06
CA CYS A 453 22.55 14.28 -23.22
C CYS A 453 21.80 14.16 -21.90
N THR A 454 21.26 15.26 -21.38
CA THR A 454 20.46 15.20 -20.15
C THR A 454 19.01 15.62 -20.42
N LEU A 455 18.61 15.57 -21.68
CA LEU A 455 17.22 15.84 -22.03
C LEU A 455 16.32 14.95 -21.20
N PRO A 456 15.26 15.54 -20.64
CA PRO A 456 14.23 14.83 -19.91
C PRO A 456 13.61 13.69 -20.67
N LEU A 457 13.19 12.64 -19.95
CA LEU A 457 12.53 11.53 -20.60
C LEU A 457 11.32 12.04 -21.39
N GLY A 458 10.60 13.03 -20.84
CA GLY A 458 9.43 13.60 -21.52
C GLY A 458 9.81 14.14 -22.89
N VAL A 459 10.96 14.81 -22.97
CA VAL A 459 11.44 15.34 -24.25
C VAL A 459 11.82 14.19 -25.16
N LEU A 460 12.56 13.21 -24.65
CA LEU A 460 12.95 12.02 -25.47
C LEU A 460 11.76 11.31 -26.05
N LYS A 461 10.61 11.39 -25.39
CA LYS A 461 9.41 10.71 -25.85
C LYS A 461 8.65 11.50 -26.94
N GLN A 462 8.88 12.81 -27.00
CA GLN A 462 8.14 13.68 -27.90
C GLN A 462 8.04 13.07 -29.32
N GLN A 463 6.81 13.05 -29.82
CA GLN A 463 6.50 12.55 -31.15
C GLN A 463 5.55 13.53 -31.83
N PRO A 464 5.96 14.11 -32.98
CA PRO A 464 7.28 13.90 -33.61
C PRO A 464 8.38 14.49 -32.76
N PRO A 465 9.64 14.10 -32.99
CA PRO A 465 10.74 14.47 -32.11
C PRO A 465 11.04 15.95 -32.01
N ALA A 466 11.56 16.41 -30.87
CA ALA A 466 11.97 17.82 -30.73
C ALA A 466 13.42 17.87 -31.07
N VAL A 467 14.11 16.76 -30.84
CA VAL A 467 15.55 16.68 -31.03
C VAL A 467 15.83 15.44 -31.84
N GLN A 468 16.57 15.61 -32.90
CA GLN A 468 16.75 14.51 -33.83
C GLN A 468 18.15 13.97 -33.65
N PHE A 469 18.28 12.64 -33.56
CA PHE A 469 19.59 12.04 -33.45
C PHE A 469 19.98 11.45 -34.77
N VAL A 470 21.20 11.75 -35.18
CA VAL A 470 21.69 11.28 -36.47
C VAL A 470 23.03 10.59 -36.27
N PRO A 471 23.11 9.27 -36.51
CA PRO A 471 22.04 8.32 -36.89
C PRO A 471 21.00 8.12 -35.79
N PRO A 472 19.83 7.58 -36.14
CA PRO A 472 18.80 7.42 -35.11
C PRO A 472 19.31 6.57 -33.97
N LEU A 473 18.77 6.75 -32.77
CA LEU A 473 19.18 5.92 -31.66
C LEU A 473 18.74 4.48 -31.94
N PRO A 474 19.45 3.49 -31.42
CA PRO A 474 19.07 2.11 -31.70
C PRO A 474 17.77 1.69 -31.01
N GLU A 475 17.17 0.60 -31.49
CA GLU A 475 15.89 0.15 -30.94
C GLU A 475 15.94 -0.20 -29.46
N TRP A 476 17.05 -0.77 -29.01
CA TRP A 476 17.12 -1.15 -27.59
C TRP A 476 16.97 0.09 -26.72
N LYS A 477 17.48 1.22 -27.17
CA LYS A 477 17.34 2.46 -26.42
C LYS A 477 15.95 3.07 -26.60
N THR A 478 15.49 3.22 -27.85
CA THR A 478 14.17 3.85 -28.07
C THR A 478 13.03 3.09 -27.38
N SER A 479 13.12 1.76 -27.37
CA SER A 479 12.12 0.90 -26.69
C SER A 479 12.13 1.12 -25.19
N ALA A 480 13.30 1.36 -24.62
CA ALA A 480 13.40 1.62 -23.20
C ALA A 480 12.68 2.93 -22.99
N VAL A 481 12.94 3.91 -23.85
CA VAL A 481 12.29 5.20 -23.75
C VAL A 481 10.76 5.07 -23.85
N GLN A 482 10.28 4.25 -24.76
CA GLN A 482 8.84 4.05 -24.91
C GLN A 482 8.19 3.36 -23.71
N ARG A 483 8.88 2.37 -23.16
CA ARG A 483 8.41 1.61 -22.01
C ARG A 483 8.33 2.41 -20.70
N MET A 484 9.35 3.17 -20.34
CA MET A 484 9.29 3.87 -19.06
C MET A 484 8.18 4.91 -18.99
N GLY A 485 7.75 5.19 -17.78
CA GLY A 485 6.69 6.13 -17.59
C GLY A 485 7.24 7.52 -17.36
N PHE A 486 6.52 8.54 -17.81
CA PHE A 486 6.85 9.91 -17.46
C PHE A 486 5.60 10.60 -16.97
N GLY A 487 5.56 10.81 -15.67
CA GLY A 487 4.42 11.40 -14.99
C GLY A 487 4.26 12.89 -15.07
N ASN A 488 3.40 13.38 -14.17
CA ASN A 488 3.03 14.77 -14.10
C ASN A 488 2.40 15.09 -12.75
N LEU A 489 2.54 16.33 -12.31
CA LEU A 489 1.90 16.82 -11.10
C LEU A 489 2.06 18.33 -11.08
N ASN A 490 1.12 19.06 -10.51
CA ASN A 490 1.22 20.53 -10.56
C ASN A 490 1.01 21.22 -9.24
N LYS A 491 1.42 22.49 -9.19
CA LYS A 491 1.33 23.25 -7.96
C LYS A 491 0.66 24.59 -8.30
N VAL A 492 -0.11 25.07 -7.34
CA VAL A 492 -0.74 26.36 -7.42
C VAL A 492 -0.24 27.15 -6.24
N VAL A 493 0.42 28.25 -6.56
CA VAL A 493 0.97 29.14 -5.55
C VAL A 493 -0.01 30.26 -5.24
N LEU A 494 -0.41 30.37 -3.97
CA LEU A 494 -1.32 31.41 -3.52
C LEU A 494 -0.62 32.34 -2.55
N CYS A 495 -0.36 33.57 -3.02
CA CYS A 495 0.27 34.59 -2.18
C CYS A 495 -0.79 35.50 -1.60
N PHE A 496 -0.86 35.53 -0.28
CA PHE A 496 -1.64 36.57 0.41
C PHE A 496 -0.75 37.61 1.06
N ASP A 497 -1.33 38.74 1.43
CA ASP A 497 -0.60 39.81 2.12
C ASP A 497 -0.80 39.72 3.65
N ARG A 498 -1.65 38.76 4.05
CA ARG A 498 -1.84 38.40 5.47
C ARG A 498 -2.17 36.90 5.67
N VAL A 499 -1.82 36.35 6.84
CA VAL A 499 -2.09 34.96 7.14
C VAL A 499 -3.57 34.91 7.55
N PHE A 500 -4.19 33.75 7.42
CA PHE A 500 -5.55 33.51 7.93
C PHE A 500 -5.73 32.08 8.42
N TRP A 501 -4.72 31.25 8.21
CA TRP A 501 -4.74 29.86 8.62
C TRP A 501 -3.90 29.65 9.88
N ASP A 502 -3.89 28.40 10.35
CA ASP A 502 -3.06 28.01 11.48
C ASP A 502 -1.59 27.96 11.04
N PRO A 503 -0.76 28.83 11.63
CA PRO A 503 0.64 28.94 11.19
C PRO A 503 1.50 27.77 11.65
N SER A 504 1.04 27.02 12.65
CA SER A 504 1.82 25.87 13.13
C SER A 504 1.43 24.62 12.37
N VAL A 505 0.27 24.68 11.71
CA VAL A 505 -0.17 23.58 10.82
C VAL A 505 0.61 23.65 9.50
N ASN A 506 1.41 22.63 9.21
CA ASN A 506 2.38 22.70 8.11
C ASN A 506 1.71 22.41 6.74
N LEU A 507 0.71 21.55 6.82
CA LEU A 507 0.02 21.10 5.63
C LEU A 507 -1.26 20.38 5.95
N PHE A 508 -2.25 20.51 5.07
CA PHE A 508 -3.56 19.96 5.34
C PHE A 508 -4.30 19.59 4.08
N GLY A 509 -5.27 18.71 4.23
CA GLY A 509 -5.88 18.11 3.04
C GLY A 509 -7.30 18.48 2.76
N HIS A 510 -7.68 18.37 1.48
CA HIS A 510 -9.05 18.56 1.05
C HIS A 510 -9.45 17.21 0.46
N VAL A 511 -10.49 16.62 1.03
CA VAL A 511 -10.99 15.34 0.58
C VAL A 511 -12.01 15.54 -0.53
N GLY A 512 -11.71 14.99 -1.70
CA GLY A 512 -12.54 15.17 -2.89
C GLY A 512 -13.88 14.45 -2.79
N SER A 513 -14.80 14.82 -3.67
CA SER A 513 -16.18 14.35 -3.58
C SER A 513 -16.34 12.98 -4.28
N THR A 514 -15.60 12.83 -5.38
CA THR A 514 -15.55 11.57 -6.10
C THR A 514 -14.11 11.10 -6.32
N THR A 515 -14.00 9.85 -6.74
CA THR A 515 -12.73 9.21 -7.04
C THR A 515 -12.06 9.93 -8.19
N ALA A 516 -12.85 10.22 -9.23
CA ALA A 516 -12.38 10.90 -10.42
C ALA A 516 -11.60 12.16 -10.11
N SER A 517 -12.11 12.94 -9.16
CA SER A 517 -11.50 14.20 -8.78
C SER A 517 -10.62 14.17 -7.52
N ARG A 518 -10.25 12.97 -7.04
CA ARG A 518 -9.46 12.88 -5.81
C ARG A 518 -8.15 13.70 -5.83
N GLY A 519 -7.48 13.83 -6.96
CA GLY A 519 -6.23 14.58 -6.99
C GLY A 519 -6.37 16.08 -7.15
N GLU A 520 -7.59 16.58 -7.33
CA GLU A 520 -7.81 18.00 -7.53
C GLU A 520 -7.65 18.86 -6.26
N LEU A 521 -6.53 19.55 -6.13
CA LEU A 521 -6.28 20.43 -5.01
C LEU A 521 -6.53 19.70 -3.69
N PHE A 522 -6.02 18.47 -3.62
CA PHE A 522 -6.21 17.62 -2.46
C PHE A 522 -5.33 17.99 -1.24
N LEU A 523 -4.24 18.71 -1.48
CA LEU A 523 -3.35 19.07 -0.39
C LEU A 523 -2.83 20.50 -0.47
N PHE A 524 -2.72 21.16 0.69
CA PHE A 524 -2.24 22.53 0.76
C PHE A 524 -1.03 22.64 1.67
N TRP A 525 0.03 23.31 1.21
CA TRP A 525 1.22 23.49 2.07
C TRP A 525 1.38 24.94 2.55
N ASN A 526 1.76 25.06 3.81
CA ASN A 526 2.03 26.37 4.42
C ASN A 526 3.47 26.35 4.81
N LEU A 527 4.40 26.75 3.96
CA LEU A 527 5.80 26.34 4.23
C LEU A 527 6.81 27.39 4.71
N TYR A 528 6.51 28.65 4.54
CA TYR A 528 7.55 29.64 4.83
C TYR A 528 7.21 30.57 6.02
N LYS A 529 8.11 31.45 6.40
CA LYS A 529 7.78 32.39 7.47
C LYS A 529 6.83 33.35 6.76
N ALA A 530 6.84 33.28 5.42
CA ALA A 530 6.00 34.11 4.57
C ALA A 530 4.55 33.56 4.50
N PRO A 531 3.58 34.40 4.11
CA PRO A 531 2.20 33.97 3.99
C PRO A 531 1.84 33.44 2.59
N ILE A 532 2.26 32.22 2.31
CA ILE A 532 1.99 31.57 1.04
C ILE A 532 1.43 30.17 1.26
N LEU A 533 0.41 29.81 0.46
CA LEU A 533 -0.17 28.49 0.49
C LEU A 533 0.05 27.88 -0.88
N LEU A 534 0.51 26.63 -0.90
CA LEU A 534 0.72 25.93 -2.14
C LEU A 534 -0.27 24.80 -2.24
N ALA A 535 -1.02 24.78 -3.34
CA ALA A 535 -2.01 23.72 -3.56
C ALA A 535 -1.51 22.69 -4.57
N LEU A 536 -1.76 21.41 -4.31
CA LEU A 536 -1.27 20.37 -5.21
C LEU A 536 -2.35 19.77 -6.09
N VAL A 537 -1.96 19.42 -7.31
CA VAL A 537 -2.87 18.79 -8.24
C VAL A 537 -2.21 17.48 -8.64
N ALA A 538 -2.88 16.38 -8.32
CA ALA A 538 -2.27 15.07 -8.57
C ALA A 538 -3.13 14.11 -9.38
N GLY A 539 -2.49 13.01 -9.82
CA GLY A 539 -3.17 11.95 -10.57
C GLY A 539 -3.82 12.44 -11.86
N GLU A 540 -4.98 11.86 -12.17
CA GLU A 540 -5.71 12.22 -13.38
C GLU A 540 -6.03 13.70 -13.46
N ALA A 541 -6.16 14.34 -12.32
CA ALA A 541 -6.47 15.76 -12.27
C ALA A 541 -5.32 16.62 -12.82
N ALA A 542 -4.07 16.19 -12.59
CA ALA A 542 -2.93 16.98 -13.07
C ALA A 542 -3.04 17.37 -14.53
N GLY A 543 -3.25 16.35 -15.37
CA GLY A 543 -3.32 16.53 -16.82
C GLY A 543 -4.50 17.37 -17.27
N ILE A 544 -5.64 17.14 -16.66
CA ILE A 544 -6.84 17.87 -17.01
C ILE A 544 -6.78 19.33 -16.57
N MET A 545 -6.33 19.61 -15.35
CA MET A 545 -6.27 21.00 -14.88
C MET A 545 -5.39 21.90 -15.74
N GLU A 546 -4.44 21.29 -16.43
CA GLU A 546 -3.55 22.09 -17.27
C GLU A 546 -4.32 22.80 -18.36
N ASN A 547 -5.46 22.25 -18.76
CA ASN A 547 -6.32 22.87 -19.77
C ASN A 547 -7.31 23.89 -19.24
N ILE A 548 -7.22 24.19 -17.95
CA ILE A 548 -8.14 25.10 -17.32
C ILE A 548 -7.38 26.39 -16.98
N SER A 549 -8.03 27.51 -17.22
CA SER A 549 -7.43 28.83 -16.98
C SER A 549 -7.10 29.02 -15.50
N ASP A 550 -6.14 29.90 -15.22
CA ASP A 550 -5.70 30.18 -13.84
C ASP A 550 -6.88 30.63 -12.96
N ASP A 551 -7.68 31.55 -13.47
CA ASP A 551 -8.81 32.08 -12.73
C ASP A 551 -9.79 31.02 -12.24
N VAL A 552 -10.10 30.05 -13.09
CA VAL A 552 -11.00 28.99 -12.71
C VAL A 552 -10.31 28.10 -11.67
N ILE A 553 -9.00 27.90 -11.82
CA ILE A 553 -8.26 27.07 -10.87
C ILE A 553 -8.21 27.75 -9.49
N VAL A 554 -7.82 29.01 -9.49
CA VAL A 554 -7.73 29.81 -8.28
C VAL A 554 -9.12 29.90 -7.61
N GLY A 555 -10.16 30.02 -8.42
CA GLY A 555 -11.54 30.10 -7.93
C GLY A 555 -11.89 28.87 -7.13
N ARG A 556 -11.53 27.70 -7.67
CA ARG A 556 -11.79 26.45 -7.00
C ARG A 556 -11.05 26.39 -5.66
N CYS A 557 -9.77 26.83 -5.66
CA CYS A 557 -8.94 26.90 -4.45
C CYS A 557 -9.60 27.71 -3.36
N LEU A 558 -10.01 28.92 -3.74
CA LEU A 558 -10.65 29.85 -2.81
C LEU A 558 -11.94 29.23 -2.30
N ALA A 559 -12.71 28.60 -3.20
CA ALA A 559 -13.95 27.96 -2.78
C ALA A 559 -13.67 26.94 -1.68
N ILE A 560 -12.66 26.11 -1.89
CA ILE A 560 -12.28 25.10 -0.91
C ILE A 560 -11.93 25.74 0.44
N LEU A 561 -11.00 26.68 0.41
CA LEU A 561 -10.55 27.41 1.59
C LEU A 561 -11.68 28.13 2.32
N LYS A 562 -12.59 28.77 1.60
CA LYS A 562 -13.74 29.45 2.21
C LYS A 562 -14.53 28.43 3.03
N GLY A 563 -14.70 27.25 2.45
CA GLY A 563 -15.43 26.17 3.10
C GLY A 563 -14.75 25.72 4.37
N ILE A 564 -13.43 25.83 4.44
CA ILE A 564 -12.69 25.43 5.64
C ILE A 564 -12.59 26.53 6.71
N PHE A 565 -12.06 27.68 6.33
CA PHE A 565 -11.81 28.79 7.27
C PHE A 565 -12.92 29.82 7.42
N GLY A 566 -13.97 29.71 6.61
CA GLY A 566 -15.08 30.65 6.67
C GLY A 566 -15.04 31.58 5.47
N SER A 567 -16.20 31.92 4.94
CA SER A 567 -16.28 32.77 3.73
C SER A 567 -15.76 34.19 3.99
N SER A 568 -16.12 34.70 5.15
CA SER A 568 -15.66 36.01 5.62
C SER A 568 -14.12 36.14 5.69
N ALA A 569 -13.43 35.03 5.91
CA ALA A 569 -12.03 35.08 6.33
C ALA A 569 -11.05 35.32 5.20
N VAL A 570 -10.92 34.33 4.34
CA VAL A 570 -9.88 34.28 3.32
C VAL A 570 -9.96 35.45 2.32
N PRO A 571 -8.92 36.32 2.32
CA PRO A 571 -8.92 37.47 1.43
C PRO A 571 -8.45 37.09 0.03
N GLN A 572 -8.55 38.01 -0.90
CA GLN A 572 -8.20 37.75 -2.27
C GLN A 572 -6.67 37.67 -2.32
N PRO A 573 -6.14 36.71 -3.12
CA PRO A 573 -4.69 36.59 -3.20
C PRO A 573 -4.07 37.80 -3.91
N LYS A 574 -2.86 38.16 -3.50
CA LYS A 574 -2.13 39.26 -4.13
C LYS A 574 -1.51 38.80 -5.46
N GLU A 575 -1.10 37.54 -5.49
CA GLU A 575 -0.48 36.94 -6.67
C GLU A 575 -0.59 35.46 -6.62
N THR A 576 -0.61 34.90 -7.82
CA THR A 576 -0.86 33.49 -8.02
C THR A 576 -0.02 32.98 -9.18
N VAL A 577 0.37 31.73 -9.10
CA VAL A 577 1.07 31.06 -10.21
C VAL A 577 0.54 29.65 -10.23
N VAL A 578 0.34 29.14 -11.45
CA VAL A 578 -0.07 27.75 -11.69
C VAL A 578 0.99 27.11 -12.57
N SER A 579 1.51 25.97 -12.17
CA SER A 579 2.47 25.25 -13.00
C SER A 579 1.71 24.37 -14.02
N ARG A 580 2.39 24.10 -15.13
CA ARG A 580 1.88 23.23 -16.17
C ARG A 580 3.06 22.45 -16.75
N TRP A 581 3.61 21.52 -15.98
CA TRP A 581 4.78 20.76 -16.44
C TRP A 581 4.56 19.93 -17.71
N ARG A 582 3.38 19.38 -17.92
CA ARG A 582 3.13 18.61 -19.13
C ARG A 582 3.23 19.46 -20.40
N ALA A 583 2.69 20.67 -20.34
CA ALA A 583 2.71 21.57 -21.50
C ALA A 583 4.06 22.24 -21.71
N ASP A 584 4.92 22.19 -20.72
CA ASP A 584 6.23 22.79 -20.82
C ASP A 584 7.05 22.02 -21.86
N PRO A 585 7.36 22.66 -23.00
CA PRO A 585 8.02 21.93 -24.09
C PRO A 585 9.42 21.46 -23.76
N TRP A 586 10.02 22.02 -22.71
CA TRP A 586 11.37 21.62 -22.31
C TRP A 586 11.36 20.55 -21.21
N ALA A 587 10.18 20.17 -20.75
CA ALA A 587 10.11 19.06 -19.78
C ALA A 587 9.10 18.01 -20.20
N ARG A 588 7.88 18.47 -20.42
N ARG A 588 7.90 18.43 -20.54
CA ARG A 588 6.81 17.71 -21.01
CA ARG A 588 6.86 17.55 -21.07
C ARG A 588 6.35 16.63 -20.04
C ARG A 588 6.33 16.59 -20.02
N GLY A 589 6.40 17.02 -18.75
CA GLY A 589 6.01 16.16 -17.66
C GLY A 589 6.84 16.50 -16.45
N SER A 590 6.66 15.77 -15.36
CA SER A 590 7.35 16.13 -14.13
C SER A 590 8.55 15.22 -13.86
N TYR A 591 8.30 13.92 -13.79
CA TYR A 591 9.36 12.93 -13.63
C TYR A 591 8.92 11.50 -13.87
N SER A 592 9.92 10.63 -14.04
CA SER A 592 9.69 9.23 -14.42
C SER A 592 8.99 8.42 -13.36
N TYR A 593 8.40 7.30 -13.77
CA TYR A 593 7.83 6.31 -12.87
C TYR A 593 7.93 4.96 -13.54
N VAL A 594 7.87 3.89 -12.77
CA VAL A 594 8.01 2.56 -13.35
C VAL A 594 6.64 2.14 -13.81
N ALA A 595 6.43 2.31 -15.11
CA ALA A 595 5.16 1.94 -15.72
C ALA A 595 4.98 0.45 -15.80
N ALA A 596 3.72 0.03 -15.84
CA ALA A 596 3.42 -1.38 -15.98
C ALA A 596 3.95 -1.75 -17.35
N GLY A 597 4.75 -2.80 -17.39
CA GLY A 597 5.36 -3.25 -18.64
C GLY A 597 6.82 -2.85 -18.70
N SER A 598 7.25 -2.06 -17.72
CA SER A 598 8.61 -1.60 -17.63
C SER A 598 9.25 -2.26 -16.44
N SER A 599 10.46 -1.81 -16.10
CA SER A 599 11.18 -2.33 -14.93
C SER A 599 12.38 -1.47 -14.67
N GLY A 600 13.13 -1.76 -13.62
CA GLY A 600 14.29 -0.96 -13.28
C GLY A 600 15.34 -1.09 -14.37
N ASN A 601 15.49 -2.29 -14.91
CA ASN A 601 16.51 -2.49 -15.94
C ASN A 601 16.44 -1.41 -17.04
N ASP A 602 15.25 -0.92 -17.34
CA ASP A 602 15.12 0.09 -18.38
C ASP A 602 15.93 1.32 -18.04
N TYR A 603 16.06 1.60 -16.75
CA TYR A 603 16.77 2.78 -16.26
C TYR A 603 18.27 2.59 -16.63
N ASP A 604 18.74 1.35 -16.52
CA ASP A 604 20.12 1.02 -16.86
C ASP A 604 20.33 1.19 -18.35
N LEU A 605 19.39 0.71 -19.13
CA LEU A 605 19.46 0.87 -20.58
C LEU A 605 19.47 2.34 -20.92
N MET A 606 18.66 3.16 -20.26
CA MET A 606 18.72 4.61 -20.54
C MET A 606 20.10 5.18 -20.32
N ALA A 607 20.81 4.63 -19.34
CA ALA A 607 22.19 5.09 -19.06
C ALA A 607 23.30 4.70 -20.03
N GLN A 608 23.15 3.58 -20.72
CA GLN A 608 24.22 3.04 -21.62
C GLN A 608 24.60 3.92 -22.81
N PRO A 609 25.87 4.36 -22.88
CA PRO A 609 26.25 5.29 -23.94
C PRO A 609 26.14 4.61 -25.30
N ILE A 610 26.03 5.41 -26.37
CA ILE A 610 25.97 4.91 -27.74
C ILE A 610 27.32 5.10 -28.41
N THR A 611 27.80 4.08 -29.13
CA THR A 611 29.03 4.19 -29.88
C THR A 611 28.70 4.02 -31.37
N PRO A 612 28.99 5.05 -32.16
CA PRO A 612 28.68 5.05 -33.59
C PRO A 612 29.44 4.00 -34.34
N GLY A 613 28.96 3.61 -35.51
CA GLY A 613 29.64 2.60 -36.33
C GLY A 613 30.82 3.25 -37.03
N PRO A 614 31.65 2.45 -37.69
CA PRO A 614 32.87 3.02 -38.30
C PRO A 614 32.56 3.90 -39.48
N SER A 615 33.42 4.88 -39.77
CA SER A 615 33.19 5.82 -40.88
C SER A 615 33.64 5.14 -42.15
N ILE A 616 34.74 4.45 -42.03
CA ILE A 616 35.33 3.69 -43.15
C ILE A 616 34.98 2.20 -42.94
N PRO A 617 34.37 1.56 -43.95
CA PRO A 617 34.16 0.11 -43.80
C PRO A 617 35.50 -0.64 -43.57
N GLY A 618 35.43 -1.54 -42.60
CA GLY A 618 36.61 -2.31 -42.17
C GLY A 618 37.47 -1.63 -41.10
N ALA A 619 37.03 -0.47 -40.63
CA ALA A 619 37.78 0.24 -39.62
C ALA A 619 37.36 -0.27 -38.24
N PRO A 620 38.29 -0.28 -37.31
CA PRO A 620 38.09 -0.62 -35.92
C PRO A 620 36.91 0.02 -35.26
N GLN A 621 36.37 -0.70 -34.28
CA GLN A 621 35.29 -0.27 -33.37
C GLN A 621 35.55 1.12 -32.69
N PRO A 622 34.73 2.10 -33.05
CA PRO A 622 34.97 3.41 -32.41
C PRO A 622 34.89 3.48 -30.87
N ILE A 623 34.96 4.70 -30.41
CA ILE A 623 34.87 5.09 -29.04
C ILE A 623 33.37 5.34 -28.89
N PRO A 624 32.79 5.19 -27.69
CA PRO A 624 31.44 5.70 -27.49
C PRO A 624 31.45 7.21 -27.51
N ARG A 625 30.40 7.83 -28.05
CA ARG A 625 30.41 9.26 -28.27
C ARG A 625 29.23 10.00 -27.69
N LEU A 626 28.13 9.27 -27.51
CA LEU A 626 26.88 9.85 -27.02
C LEU A 626 26.51 9.26 -25.66
N PHE A 627 26.45 10.13 -24.66
CA PHE A 627 26.25 9.67 -23.29
C PHE A 627 24.94 10.22 -22.75
N PHE A 628 24.42 9.59 -21.71
CA PHE A 628 23.14 10.02 -21.13
C PHE A 628 23.16 10.08 -19.63
N ALA A 629 22.58 11.17 -19.12
CA ALA A 629 22.36 11.28 -17.71
C ALA A 629 20.99 11.82 -17.52
N GLY A 630 20.61 11.92 -16.27
CA GLY A 630 19.33 12.51 -15.92
C GLY A 630 18.71 11.58 -14.93
N GLU A 631 17.71 12.14 -14.26
CA GLU A 631 16.82 11.49 -13.35
C GLU A 631 16.29 10.16 -13.86
N HIS A 632 16.07 10.07 -15.15
CA HIS A 632 15.56 8.85 -15.74
C HIS A 632 16.64 7.80 -16.05
N THR A 633 17.87 8.04 -15.63
CA THR A 633 19.00 7.15 -15.96
C THR A 633 19.67 6.47 -14.76
N ILE A 634 19.08 6.61 -13.60
CA ILE A 634 19.66 6.05 -12.38
C ILE A 634 18.64 5.20 -11.64
N ARG A 635 18.77 3.89 -11.85
CA ARG A 635 17.89 2.87 -11.30
C ARG A 635 17.58 2.96 -9.81
N ASN A 636 18.60 3.21 -8.99
CA ASN A 636 18.38 3.25 -7.55
C ASN A 636 17.85 4.54 -6.93
N TYR A 637 17.96 5.66 -7.64
CA TYR A 637 17.51 6.93 -7.14
C TYR A 637 16.77 7.79 -8.17
N PRO A 638 15.85 7.18 -8.93
CA PRO A 638 15.22 7.91 -10.01
C PRO A 638 14.29 8.97 -9.48
N ALA A 639 13.88 9.88 -10.36
CA ALA A 639 12.89 10.90 -10.09
C ALA A 639 13.25 11.83 -8.93
N THR A 640 14.53 12.15 -8.73
CA THR A 640 14.85 13.06 -7.64
C THR A 640 15.94 14.02 -8.02
N VAL A 641 16.26 14.94 -7.12
CA VAL A 641 17.37 15.84 -7.35
C VAL A 641 18.68 15.08 -7.13
N HIS A 642 18.78 14.34 -6.04
CA HIS A 642 20.01 13.59 -5.75
C HIS A 642 20.30 12.58 -6.88
N GLY A 643 19.24 12.01 -7.44
CA GLY A 643 19.37 11.06 -8.55
C GLY A 643 19.99 11.75 -9.75
N ALA A 644 19.49 12.94 -10.06
CA ALA A 644 20.04 13.67 -11.18
C ALA A 644 21.50 14.00 -10.92
N LEU A 645 21.79 14.49 -9.72
CA LEU A 645 23.15 14.84 -9.33
C LEU A 645 24.07 13.65 -9.47
N LEU A 646 23.64 12.51 -8.94
CA LEU A 646 24.46 11.29 -9.06
C LEU A 646 24.65 10.87 -10.52
N SER A 647 23.62 11.00 -11.34
CA SER A 647 23.76 10.61 -12.75
C SER A 647 24.83 11.45 -13.43
N GLY A 648 24.90 12.74 -13.12
CA GLY A 648 25.90 13.60 -13.73
C GLY A 648 27.31 13.21 -13.28
N LEU A 649 27.44 12.92 -11.99
CA LEU A 649 28.73 12.51 -11.46
C LEU A 649 29.20 11.26 -12.15
N ARG A 650 28.27 10.34 -12.38
CA ARG A 650 28.58 9.06 -13.04
C ARG A 650 29.06 9.30 -14.44
N GLU A 651 28.30 10.00 -15.28
CA GLU A 651 28.74 10.23 -16.63
C GLU A 651 30.04 10.99 -16.73
N ALA A 652 30.25 11.96 -15.84
CA ALA A 652 31.51 12.70 -15.88
C ALA A 652 32.67 11.73 -15.71
N GLY A 653 32.53 10.82 -14.78
CA GLY A 653 33.58 9.82 -14.53
C GLY A 653 33.78 8.90 -15.71
N ARG A 654 32.69 8.49 -16.35
CA ARG A 654 32.82 7.58 -17.47
C ARG A 654 33.46 8.26 -18.68
N ILE A 655 33.05 9.51 -18.93
CA ILE A 655 33.62 10.28 -20.04
C ILE A 655 35.09 10.52 -19.80
N ALA A 656 35.43 11.01 -18.63
CA ALA A 656 36.84 11.26 -18.31
C ALA A 656 37.67 10.00 -18.44
N ASP A 657 37.12 8.86 -18.03
CA ASP A 657 37.84 7.58 -18.11
C ASP A 657 38.10 7.21 -19.55
N GLN A 658 37.11 7.46 -20.38
CA GLN A 658 37.16 7.16 -21.79
C GLN A 658 38.15 8.04 -22.54
N PHE A 659 38.10 9.35 -22.33
CA PHE A 659 38.94 10.30 -23.05
C PHE A 659 40.23 10.78 -22.38
N LEU A 660 40.37 10.63 -21.06
CA LEU A 660 41.64 10.96 -20.42
C LEU A 660 42.35 9.72 -19.95
N GLY A 661 41.62 8.61 -19.90
CA GLY A 661 42.15 7.34 -19.42
C GLY A 661 42.36 7.28 -17.91
N ALA A 662 42.07 6.11 -17.35
CA ALA A 662 42.31 5.84 -15.94
C ALA A 662 43.80 5.76 -15.65
N MET A 663 44.19 6.35 -14.54
CA MET A 663 45.55 6.15 -14.03
C MET A 663 45.64 4.90 -13.12
N TYR A 664 44.49 4.60 -12.51
CA TYR A 664 44.43 3.88 -11.24
C TYR A 664 44.09 2.38 -11.35
N THR A 665 44.06 1.86 -12.58
CA THR A 665 43.64 0.47 -12.85
C THR A 665 44.85 -0.34 -13.39
N LEU A 666 45.83 -0.60 -12.52
CA LEU A 666 46.95 -1.51 -12.83
C LEU A 666 46.99 -2.68 -11.82
N ARG B 61 5.01 -13.18 3.70
CA ARG B 61 4.73 -14.60 4.06
C ARG B 61 3.25 -14.90 3.90
N LYS B 62 2.41 -14.12 4.56
CA LYS B 62 0.96 -14.29 4.46
C LYS B 62 0.19 -12.92 4.41
N PRO B 63 -1.09 -12.95 3.99
CA PRO B 63 -1.76 -11.66 3.81
C PRO B 63 -1.99 -10.99 5.14
N PRO B 64 -2.08 -9.66 5.17
CA PRO B 64 -2.30 -8.98 6.44
C PRO B 64 -3.57 -9.49 7.13
N LYS B 65 -3.55 -9.49 8.46
CA LYS B 65 -4.60 -10.13 9.25
C LYS B 65 -5.95 -9.51 8.97
N GLY B 66 -6.92 -10.34 8.65
CA GLY B 66 -8.27 -9.85 8.37
C GLY B 66 -8.53 -9.63 6.90
N MET B 67 -7.47 -9.59 6.09
CA MET B 67 -7.60 -9.46 4.63
C MET B 67 -7.69 -10.87 4.06
N PHE B 68 -8.62 -11.09 3.13
CA PHE B 68 -8.88 -12.45 2.65
C PHE B 68 -8.64 -12.55 1.15
N LEU B 69 -7.77 -13.49 0.76
CA LEU B 69 -7.23 -13.53 -0.60
C LEU B 69 -6.79 -14.93 -1.00
N SER B 70 -7.63 -15.69 -1.70
CA SER B 70 -7.18 -16.99 -2.16
C SER B 70 -6.92 -16.96 -3.65
N GLN B 71 -6.12 -17.91 -4.11
CA GLN B 71 -5.88 -18.11 -5.53
C GLN B 71 -7.24 -18.17 -6.22
N GLU B 72 -8.10 -19.03 -5.67
CA GLU B 72 -9.45 -19.27 -6.19
C GLU B 72 -10.29 -17.99 -6.29
N ASP B 73 -10.29 -17.19 -5.23
CA ASP B 73 -11.05 -15.92 -5.22
C ASP B 73 -10.61 -14.99 -6.37
N VAL B 74 -9.30 -14.85 -6.48
CA VAL B 74 -8.75 -13.86 -7.38
C VAL B 74 -9.11 -14.20 -8.82
N GLU B 75 -8.95 -15.47 -9.16
CA GLU B 75 -9.21 -15.92 -10.53
C GLU B 75 -10.63 -15.63 -10.94
N ALA B 76 -11.58 -15.86 -10.03
CA ALA B 76 -13.00 -15.63 -10.27
C ALA B 76 -13.33 -14.15 -10.52
N VAL B 77 -12.77 -13.27 -9.70
CA VAL B 77 -13.01 -11.83 -9.83
C VAL B 77 -12.30 -11.19 -11.04
N SER B 78 -11.23 -11.82 -11.52
CA SER B 78 -10.45 -11.29 -12.65
C SER B 78 -10.68 -12.00 -14.01
N ALA B 79 -11.57 -13.00 -14.04
CA ALA B 79 -11.79 -13.82 -15.24
C ALA B 79 -12.27 -13.00 -16.42
N ASN B 80 -13.02 -11.93 -16.15
CA ASN B 80 -13.51 -11.02 -17.20
C ASN B 80 -13.79 -9.63 -16.65
N ALA B 81 -14.18 -8.72 -17.53
CA ALA B 81 -14.29 -7.29 -17.22
C ALA B 81 -15.26 -6.94 -16.08
N THR B 82 -16.33 -7.71 -15.96
CA THR B 82 -17.34 -7.45 -14.92
C THR B 82 -17.69 -8.74 -14.17
N ALA B 83 -16.68 -9.59 -13.99
CA ALA B 83 -16.84 -10.81 -13.18
C ALA B 83 -17.13 -10.45 -11.72
N ALA B 84 -16.47 -9.42 -11.19
CA ALA B 84 -16.69 -8.95 -9.84
C ALA B 84 -18.15 -8.53 -9.60
N THR B 85 -18.66 -7.67 -10.46
CA THR B 85 -20.05 -7.21 -10.31
C THR B 85 -21.02 -8.37 -10.34
N THR B 86 -20.76 -9.38 -11.18
CA THR B 86 -21.56 -10.60 -11.24
C THR B 86 -21.52 -11.34 -9.90
N VAL B 87 -20.30 -11.53 -9.39
CA VAL B 87 -20.14 -12.25 -8.12
C VAL B 87 -20.88 -11.57 -7.00
N LEU B 88 -20.70 -10.26 -6.87
CA LEU B 88 -21.34 -9.45 -5.83
C LEU B 88 -22.88 -9.37 -5.93
N ARG B 89 -23.41 -9.37 -7.15
CA ARG B 89 -24.86 -9.32 -7.32
C ARG B 89 -25.46 -10.67 -6.99
N GLN B 90 -24.81 -11.73 -7.44
CA GLN B 90 -25.27 -13.09 -7.19
C GLN B 90 -25.30 -13.37 -5.67
N LEU B 91 -24.49 -12.63 -4.92
CA LEU B 91 -24.48 -12.77 -3.47
C LEU B 91 -25.53 -11.87 -2.84
N ASP B 92 -25.82 -10.73 -3.45
CA ASP B 92 -26.86 -9.85 -2.97
C ASP B 92 -28.19 -10.56 -3.07
N MET B 93 -28.34 -11.33 -4.14
CA MET B 93 -29.54 -12.11 -4.38
C MET B 93 -29.68 -13.29 -3.42
N GLU B 94 -28.57 -13.98 -3.15
CA GLU B 94 -28.60 -15.11 -2.20
C GLU B 94 -28.94 -14.55 -0.80
N LEU B 95 -28.40 -13.35 -0.56
CA LEU B 95 -28.62 -12.65 0.71
C LEU B 95 -30.07 -12.22 0.89
N VAL B 96 -30.71 -11.70 -0.15
CA VAL B 96 -32.09 -11.28 -0.06
C VAL B 96 -33.00 -12.53 0.11
N SER B 97 -32.60 -13.59 -0.58
CA SER B 97 -33.33 -14.84 -0.59
C SER B 97 -33.39 -15.47 0.80
N VAL B 98 -32.34 -15.29 1.59
CA VAL B 98 -32.28 -15.91 2.89
C VAL B 98 -33.00 -15.08 3.96
N LYS B 99 -33.32 -13.82 3.69
CA LYS B 99 -34.01 -13.01 4.68
C LYS B 99 -35.50 -13.15 4.48
N ARG B 100 -35.93 -13.50 3.28
CA ARG B 100 -37.31 -13.90 3.02
C ARG B 100 -37.58 -15.19 3.84
N GLN B 101 -36.58 -16.05 3.85
CA GLN B 101 -36.69 -17.35 4.49
C GLN B 101 -36.75 -17.13 5.99
N ILE B 102 -36.11 -16.08 6.47
CA ILE B 102 -36.16 -15.79 7.91
C ILE B 102 -37.51 -15.26 8.31
N GLN B 103 -38.02 -14.27 7.58
CA GLN B 103 -39.31 -13.65 7.86
C GLN B 103 -40.41 -14.72 7.92
N ASN B 104 -40.29 -15.68 7.00
CA ASN B 104 -41.28 -16.71 6.89
C ASN B 104 -41.28 -17.64 8.10
N ILE B 105 -40.12 -18.07 8.53
CA ILE B 105 -40.06 -18.95 9.69
C ILE B 105 -40.37 -18.18 10.97
N LYS B 106 -40.01 -16.90 11.04
CA LYS B 106 -40.34 -16.07 12.19
C LYS B 106 -41.86 -16.00 12.36
N GLN B 107 -42.56 -15.87 11.24
CA GLN B 107 -44.02 -15.85 11.20
C GLN B 107 -44.64 -17.21 11.50
N THR B 108 -44.03 -18.25 10.96
CA THR B 108 -44.45 -19.62 11.27
C THR B 108 -44.34 -19.90 12.77
N ASN B 109 -43.24 -19.46 13.37
CA ASN B 109 -42.99 -19.75 14.78
C ASN B 109 -43.85 -18.89 15.70
N SER B 110 -44.21 -17.69 15.25
CA SER B 110 -45.07 -16.82 16.04
C SER B 110 -46.45 -17.46 16.23
N ALA B 111 -46.94 -18.08 15.17
CA ALA B 111 -48.24 -18.75 15.17
C ALA B 111 -48.19 -19.98 16.06
N LEU B 112 -47.14 -20.79 15.89
CA LEU B 112 -47.01 -22.01 16.70
C LEU B 112 -46.92 -21.70 18.18
N LYS B 113 -46.25 -20.60 18.53
CA LYS B 113 -46.12 -20.19 19.94
C LYS B 113 -47.46 -19.78 20.49
N GLU B 114 -48.26 -19.14 19.67
CA GLU B 114 -49.53 -18.68 20.22
C GLU B 114 -50.55 -19.82 20.33
N LYS B 115 -50.24 -20.98 19.77
CA LYS B 115 -51.04 -22.18 19.94
C LYS B 115 -50.71 -22.80 21.28
N LEU B 116 -49.49 -22.67 21.77
CA LEU B 116 -49.13 -23.28 23.03
C LEU B 116 -49.40 -22.34 24.22
N ASP B 117 -50.00 -21.20 23.92
CA ASP B 117 -50.32 -20.20 24.92
C ASP B 117 -51.15 -20.80 26.04
N GLY B 118 -50.62 -20.71 27.24
CA GLY B 118 -51.30 -21.25 28.43
C GLY B 118 -50.56 -22.49 28.91
N GLY B 119 -49.72 -23.05 28.03
CA GLY B 119 -48.86 -24.18 28.40
C GLY B 119 -49.68 -25.35 28.89
N ILE B 120 -49.18 -26.04 29.90
CA ILE B 120 -49.85 -27.25 30.39
C ILE B 120 -50.24 -27.09 31.86
N GLU B 121 -50.57 -25.86 32.25
CA GLU B 121 -50.96 -25.59 33.66
C GLU B 121 -52.24 -26.30 34.13
N PRO B 122 -53.31 -26.28 33.31
CA PRO B 122 -54.53 -26.92 33.76
C PRO B 122 -54.44 -28.45 33.81
N TYR B 123 -53.35 -28.99 33.29
CA TYR B 123 -53.17 -30.43 33.19
C TYR B 123 -52.25 -31.07 34.21
N ARG B 124 -51.77 -30.29 35.15
CA ARG B 124 -50.87 -30.82 36.17
C ARG B 124 -51.62 -31.43 37.33
N LEU B 125 -51.11 -32.56 37.84
CA LEU B 125 -51.74 -33.26 38.93
C LEU B 125 -50.77 -33.21 40.10
N PRO B 126 -51.18 -32.61 41.22
CA PRO B 126 -50.20 -32.38 42.27
C PRO B 126 -49.74 -33.74 42.80
N GLU B 127 -48.51 -34.15 42.49
CA GLU B 127 -48.10 -35.53 42.73
C GLU B 127 -47.58 -35.79 44.14
N VAL B 128 -48.00 -36.92 44.70
CA VAL B 128 -47.75 -37.33 46.08
C VAL B 128 -46.39 -38.03 46.17
N ILE B 129 -45.68 -37.76 47.26
CA ILE B 129 -44.49 -38.52 47.64
C ILE B 129 -45.02 -39.63 48.56
N GLN B 130 -44.61 -40.87 48.38
CA GLN B 130 -44.88 -41.84 49.44
C GLN B 130 -43.82 -42.95 49.52
N LYS B 131 -43.49 -43.31 50.76
CA LYS B 131 -42.35 -44.15 51.04
C LYS B 131 -42.53 -45.59 50.55
N CYS B 132 -41.42 -46.30 50.58
CA CYS B 132 -41.35 -47.69 50.13
C CYS B 132 -41.91 -48.70 51.11
N ASN B 133 -42.06 -49.91 50.62
CA ASN B 133 -42.45 -51.03 51.45
C ASN B 133 -42.07 -52.35 50.77
N ALA B 134 -41.36 -53.23 51.47
CA ALA B 134 -40.81 -54.45 50.87
C ALA B 134 -41.82 -55.60 50.96
N ARG B 135 -42.98 -55.31 51.55
CA ARG B 135 -44.10 -56.25 51.62
C ARG B 135 -45.03 -56.09 50.41
N TRP B 136 -45.41 -57.21 49.82
CA TRP B 136 -46.31 -57.24 48.67
C TRP B 136 -47.72 -57.62 49.10
N THR B 137 -48.66 -56.70 48.95
CA THR B 137 -50.05 -56.98 49.23
C THR B 137 -50.62 -57.53 47.94
N THR B 138 -51.68 -58.32 48.03
CA THR B 138 -52.35 -58.88 46.86
C THR B 138 -52.65 -57.78 45.82
N GLU B 139 -53.09 -56.63 46.31
CA GLU B 139 -53.40 -55.50 45.44
C GLU B 139 -52.19 -55.15 44.57
N GLU B 140 -51.04 -55.01 45.21
CA GLU B 140 -49.81 -54.66 44.54
C GLU B 140 -49.33 -55.70 43.51
N GLN B 141 -49.43 -56.97 43.87
CA GLN B 141 -49.06 -58.03 42.93
C GLN B 141 -49.85 -57.90 41.63
N LEU B 142 -51.17 -57.75 41.76
CA LEU B 142 -52.04 -57.59 40.60
C LEU B 142 -51.74 -56.32 39.81
N LEU B 143 -51.34 -55.25 40.50
CA LEU B 143 -51.00 -54.04 39.80
C LEU B 143 -49.78 -54.30 38.93
N ALA B 144 -48.78 -54.92 39.54
CA ALA B 144 -47.54 -55.23 38.87
C ALA B 144 -47.76 -56.09 37.64
N VAL B 145 -48.46 -57.22 37.82
CA VAL B 145 -48.75 -58.09 36.70
C VAL B 145 -49.33 -57.30 35.52
N GLN B 146 -50.26 -56.40 35.79
CA GLN B 146 -50.84 -55.62 34.71
C GLN B 146 -49.86 -54.61 34.17
N ALA B 147 -49.01 -54.08 35.05
CA ALA B 147 -48.01 -53.10 34.67
C ALA B 147 -47.01 -53.74 33.70
N ILE B 148 -46.64 -54.98 34.00
CA ILE B 148 -45.74 -55.73 33.16
C ILE B 148 -46.39 -55.97 31.81
N ARG B 149 -47.69 -56.22 31.81
CA ARG B 149 -48.44 -56.45 30.58
C ARG B 149 -48.45 -55.20 29.66
N LYS B 150 -48.50 -54.02 30.27
CA LYS B 150 -48.54 -52.75 29.55
C LYS B 150 -47.17 -52.28 29.16
N TYR B 151 -46.25 -52.25 30.13
CA TYR B 151 -44.93 -51.60 29.98
C TYR B 151 -43.78 -52.54 29.67
N GLY B 152 -43.97 -53.84 29.85
CA GLY B 152 -42.89 -54.80 29.65
C GLY B 152 -41.73 -54.65 30.64
N ARG B 153 -40.51 -54.60 30.11
CA ARG B 153 -39.30 -54.62 30.94
C ARG B 153 -39.18 -53.36 31.81
N ASP B 154 -39.94 -52.30 31.51
CA ASP B 154 -39.65 -50.97 32.03
C ASP B 154 -39.85 -50.86 33.54
N PHE B 155 -38.85 -51.26 34.30
CA PHE B 155 -38.93 -51.34 35.76
C PHE B 155 -39.28 -50.00 36.41
N GLN B 156 -38.77 -48.91 35.83
CA GLN B 156 -39.02 -47.59 36.36
C GLN B 156 -40.52 -47.28 36.33
N ALA B 157 -41.14 -47.57 35.19
CA ALA B 157 -42.58 -47.36 34.99
C ALA B 157 -43.39 -48.21 35.92
N ILE B 158 -43.01 -49.48 36.03
CA ILE B 158 -43.72 -50.39 36.90
C ILE B 158 -43.62 -49.92 38.34
N SER B 159 -42.44 -49.48 38.75
CA SER B 159 -42.25 -48.95 40.09
C SER B 159 -43.17 -47.74 40.32
N ASP B 160 -43.14 -46.80 39.36
CA ASP B 160 -43.96 -45.59 39.45
C ASP B 160 -45.44 -45.88 39.59
N VAL B 161 -45.92 -46.82 38.78
CA VAL B 161 -47.34 -47.23 38.78
C VAL B 161 -47.76 -47.78 40.14
N ILE B 162 -46.94 -48.67 40.71
CA ILE B 162 -47.27 -49.25 42.01
C ILE B 162 -47.11 -48.22 43.13
N GLY B 163 -46.23 -47.24 42.91
CA GLY B 163 -46.03 -46.15 43.86
C GLY B 163 -45.16 -46.42 45.09
N ASN B 164 -45.26 -47.59 45.70
CA ASN B 164 -44.53 -47.86 46.93
C ASN B 164 -43.49 -49.00 46.84
N LYS B 165 -42.99 -49.24 45.63
CA LYS B 165 -42.01 -50.29 45.44
C LYS B 165 -40.89 -49.81 44.56
N SER B 166 -39.68 -49.90 45.08
CA SER B 166 -38.47 -49.46 44.36
C SER B 166 -38.20 -50.35 43.17
N VAL B 167 -37.25 -49.90 42.36
CA VAL B 167 -36.90 -50.59 41.13
C VAL B 167 -36.38 -51.98 41.42
N VAL B 168 -35.49 -52.10 42.41
CA VAL B 168 -34.91 -53.37 42.79
C VAL B 168 -36.01 -54.36 43.22
N GLN B 169 -36.88 -53.90 44.11
CA GLN B 169 -38.00 -54.72 44.59
C GLN B 169 -38.82 -55.28 43.44
N VAL B 170 -38.94 -54.48 42.39
CA VAL B 170 -39.67 -54.84 41.17
C VAL B 170 -38.91 -55.92 40.40
N LYS B 171 -37.59 -55.69 40.24
CA LYS B 171 -36.69 -56.60 39.53
C LYS B 171 -36.75 -57.97 40.19
N ASN B 172 -36.70 -57.96 41.52
CA ASN B 172 -36.80 -59.18 42.32
C ASN B 172 -38.12 -59.89 42.07
N PHE B 173 -39.20 -59.13 42.14
CA PHE B 173 -40.54 -59.66 41.90
C PHE B 173 -40.57 -60.52 40.62
N PHE B 174 -39.91 -59.98 39.59
CA PHE B 174 -39.81 -60.65 38.29
C PHE B 174 -39.28 -62.06 38.41
N VAL B 175 -38.26 -62.25 39.24
CA VAL B 175 -37.66 -63.57 39.43
C VAL B 175 -38.52 -64.42 40.37
N ASN B 176 -38.80 -63.92 41.56
CA ASN B 176 -39.60 -64.64 42.57
C ASN B 176 -40.97 -65.15 42.09
N TYR B 177 -41.67 -64.35 41.29
CA TYR B 177 -43.00 -64.78 40.86
C TYR B 177 -43.05 -65.19 39.39
N ARG B 178 -41.87 -65.40 38.80
CA ARG B 178 -41.75 -65.73 37.37
C ARG B 178 -42.61 -66.91 36.99
N ARG B 179 -42.54 -67.93 37.84
CA ARG B 179 -43.31 -69.18 37.75
C ARG B 179 -44.83 -68.98 37.91
N ARG B 180 -45.14 -68.42 39.07
CA ARG B 180 -46.53 -68.28 39.51
C ARG B 180 -47.40 -67.34 38.69
N PHE B 181 -46.81 -66.30 38.11
CA PHE B 181 -47.60 -65.37 37.30
C PHE B 181 -47.28 -65.46 35.82
N ASN B 182 -46.77 -66.62 35.39
CA ASN B 182 -46.48 -66.87 33.98
C ASN B 182 -45.86 -65.61 33.31
N ILE B 183 -44.89 -65.02 34.00
CA ILE B 183 -44.37 -63.72 33.61
C ILE B 183 -43.75 -63.71 32.21
N ASP B 184 -43.21 -64.85 31.80
CA ASP B 184 -42.63 -64.97 30.45
C ASP B 184 -43.71 -64.87 29.39
N GLU B 185 -44.81 -65.56 29.66
CA GLU B 185 -45.96 -65.62 28.76
C GLU B 185 -46.60 -64.24 28.63
N VAL B 186 -46.62 -63.50 29.74
CA VAL B 186 -47.14 -62.13 29.73
C VAL B 186 -46.21 -61.23 28.90
N LEU B 187 -44.91 -61.33 29.14
CA LEU B 187 -43.96 -60.52 28.41
C LEU B 187 -44.03 -60.71 26.90
N GLN B 188 -44.22 -61.94 26.44
CA GLN B 188 -44.29 -62.21 25.01
C GLN B 188 -45.50 -61.51 24.38
N GLU B 189 -46.50 -61.25 25.20
CA GLU B 189 -47.68 -60.55 24.72
C GLU B 189 -47.45 -59.03 24.63
N TRP B 190 -46.54 -58.51 25.45
CA TRP B 190 -46.20 -57.09 25.38
C TRP B 190 -45.39 -56.87 24.09
N GLU B 191 -44.60 -57.88 23.75
CA GLU B 191 -43.76 -57.87 22.54
C GLU B 191 -44.56 -57.87 21.24
N ALA B 192 -45.81 -58.34 21.29
CA ALA B 192 -46.70 -58.24 20.12
C ALA B 192 -47.43 -56.90 20.09
N GLU B 193 -46.85 -55.88 20.74
CA GLU B 193 -47.43 -54.53 20.79
C GLU B 193 -46.38 -53.43 20.94
#